data_2Y1F
#
_entry.id   2Y1F
#
_cell.length_a   67.439
_cell.length_b   65.019
_cell.length_c   86.169
_cell.angle_alpha   90.00
_cell.angle_beta   102.05
_cell.angle_gamma   90.00
#
_symmetry.space_group_name_H-M   'P 1 21 1'
#
loop_
_entity.id
_entity.type
_entity.pdbx_description
1 polymer '1-DEOXY-D-XYLULOSE 5-PHOSPHATE REDUCTOISOMERASE'
2 non-polymer '(1S)-1-(3,4-DICHLOROPHENYL)-3-[FORMYL(HYDROXY)AMINO]PROPYL}PHOSPHONIC ACID'
3 non-polymer 'NADPH DIHYDRO-NICOTINAMIDE-ADENINE-DINUCLEOTIDE PHOSPHATE'
4 non-polymer 'MANGANESE (II) ION'
5 non-polymer 'SULFATE ION'
6 water water
#
_entity_poly.entity_id   1
_entity_poly.type   'polypeptide(L)'
_entity_poly.pdbx_seq_one_letter_code
;TMAHHHHHHVTNSTDGRADGRLRVVVLGSTGSIGTQALQVIADNPDRFEVVGLAAGGAHLDTLLRQRAQTGVTNIAVADE
HAAQRVGDIPYHGSDAATRLVEQTEADVVLNALVGALGLRPTLAALKTGARLALANKESLVAGGSLVLRAARPGQIVPVD
SEHSALAQCLRGGTPDEVAKLVLTASGGPFRGWSAADLEHVTPEQAGAHPTWSMGPMNTLNSASLVNKGLEVIETHLLFG
IPYDRIDVVVHPQSIIHSMVTFIDGSTIAQASPPDMKLPISLALGWPRRVSGAAAACDFHTASSWEFEPLDTDVFPAVEL
ARQAGVAGGCMTAVYNAANEEAAAAFLAGRIGFPAIVGIIADVLHAADQWAVEPATVDDVLDAQRWARERAQRAVSGM
;
_entity_poly.pdbx_strand_id   A,B
#
loop_
_chem_comp.id
_chem_comp.type
_chem_comp.name
_chem_comp.formula
34F non-polymer '(1S)-1-(3,4-DICHLOROPHENYL)-3-[FORMYL(HYDROXY)AMINO]PROPYL}PHOSPHONIC ACID' 'C10 H12 Cl2 N O5 P'
MN non-polymer 'MANGANESE (II) ION' 'Mn 2'
NDP non-polymer 'NADPH DIHYDRO-NICOTINAMIDE-ADENINE-DINUCLEOTIDE PHOSPHATE' 'C21 H30 N7 O17 P3'
SO4 non-polymer 'SULFATE ION' 'O4 S -2'
#
# COMPACT_ATOMS: atom_id res chain seq x y z
N GLY A 20 -16.64 25.82 -8.50
CA GLY A 20 -15.45 24.97 -8.16
C GLY A 20 -15.43 23.64 -8.91
N ARG A 21 -16.32 23.49 -9.89
CA ARG A 21 -16.40 22.28 -10.70
C ARG A 21 -15.27 22.24 -11.71
N LEU A 22 -14.74 21.03 -11.93
CA LEU A 22 -13.77 20.82 -12.99
C LEU A 22 -14.50 20.56 -14.32
N ARG A 23 -14.08 21.27 -15.36
CA ARG A 23 -14.65 21.12 -16.70
C ARG A 23 -13.93 20.00 -17.44
N VAL A 24 -14.67 18.94 -17.76
CA VAL A 24 -14.10 17.72 -18.34
C VAL A 24 -14.52 17.50 -19.80
N VAL A 25 -13.53 17.34 -20.68
CA VAL A 25 -13.81 16.85 -22.02
C VAL A 25 -13.61 15.34 -22.01
N VAL A 26 -14.60 14.60 -22.52
CA VAL A 26 -14.51 13.14 -22.55
C VAL A 26 -14.36 12.63 -23.99
N LEU A 27 -13.17 12.12 -24.30
CA LEU A 27 -12.89 11.58 -25.63
C LEU A 27 -13.05 10.06 -25.59
N GLY A 28 -13.82 9.51 -26.53
CA GLY A 28 -14.20 8.08 -26.52
C GLY A 28 -15.33 7.84 -25.54
N SER A 29 -16.37 8.68 -25.59
CA SER A 29 -17.43 8.72 -24.58
C SER A 29 -18.37 7.52 -24.56
N THR A 30 -18.51 6.82 -25.68
CA THR A 30 -19.48 5.73 -25.81
C THR A 30 -18.90 4.37 -25.46
N GLY A 31 -17.58 4.32 -25.27
CA GLY A 31 -16.91 3.08 -24.87
C GLY A 31 -17.06 2.81 -23.38
N SER A 32 -16.46 1.71 -22.94
CA SER A 32 -16.48 1.28 -21.55
C SER A 32 -15.98 2.34 -20.56
N ILE A 33 -14.79 2.86 -20.80
CA ILE A 33 -14.19 3.88 -19.92
C ILE A 33 -14.97 5.19 -19.95
N GLY A 34 -15.33 5.64 -21.15
CA GLY A 34 -16.11 6.86 -21.31
C GLY A 34 -17.45 6.90 -20.59
N THR A 35 -18.21 5.80 -20.68
CA THR A 35 -19.51 5.73 -20.00
C THR A 35 -19.36 5.63 -18.47
N GLN A 36 -18.33 4.91 -18.02
CA GLN A 36 -18.05 4.85 -16.58
C GLN A 36 -17.64 6.21 -16.04
N ALA A 37 -16.89 6.97 -16.84
CA ALA A 37 -16.48 8.32 -16.48
C ALA A 37 -17.66 9.28 -16.37
N LEU A 38 -18.58 9.18 -17.33
CA LEU A 38 -19.82 9.98 -17.31
C LEU A 38 -20.65 9.66 -16.07
N GLN A 39 -20.68 8.39 -15.68
CA GLN A 39 -21.36 7.95 -14.47
C GLN A 39 -20.73 8.54 -13.21
N VAL A 40 -19.41 8.56 -13.15
CA VAL A 40 -18.68 9.17 -12.04
C VAL A 40 -18.97 10.66 -11.96
N ILE A 41 -19.06 11.32 -13.12
CA ILE A 41 -19.31 12.75 -13.20
C ILE A 41 -20.75 13.07 -12.79
N ALA A 42 -21.70 12.27 -13.28
CA ALA A 42 -23.12 12.35 -12.89
C ALA A 42 -23.33 12.20 -11.38
N ASP A 43 -22.58 11.30 -10.76
CA ASP A 43 -22.67 11.06 -9.32
C ASP A 43 -21.98 12.14 -8.48
N ASN A 44 -21.23 13.02 -9.15
CA ASN A 44 -20.46 14.05 -8.47
C ASN A 44 -20.56 15.45 -9.10
N PRO A 45 -21.80 15.98 -9.23
CA PRO A 45 -22.02 17.27 -9.90
C PRO A 45 -21.32 18.47 -9.26
N ASP A 46 -21.01 18.39 -7.97
CA ASP A 46 -20.29 19.48 -7.27
C ASP A 46 -18.82 19.58 -7.67
N ARG A 47 -18.26 18.46 -8.14
CA ARG A 47 -16.85 18.35 -8.49
C ARG A 47 -16.58 18.41 -10.00
N PHE A 48 -17.47 17.80 -10.79
CA PHE A 48 -17.21 17.63 -12.22
C PHE A 48 -18.36 18.13 -13.09
N GLU A 49 -18.01 18.59 -14.28
CA GLU A 49 -18.98 19.02 -15.29
C GLU A 49 -18.44 18.62 -16.68
N VAL A 50 -19.25 17.87 -17.44
CA VAL A 50 -18.92 17.51 -18.84
C VAL A 50 -19.09 18.74 -19.72
N VAL A 51 -18.06 19.10 -20.49
CA VAL A 51 -18.13 20.22 -21.42
C VAL A 51 -17.86 19.83 -22.89
N GLY A 52 -17.54 18.57 -23.12
CA GLY A 52 -17.25 18.08 -24.48
C GLY A 52 -17.27 16.56 -24.55
N LEU A 53 -17.70 16.05 -25.69
CA LEU A 53 -17.75 14.63 -25.94
C LEU A 53 -17.20 14.34 -27.34
N ALA A 54 -16.44 13.26 -27.47
CA ALA A 54 -15.99 12.80 -28.77
C ALA A 54 -16.23 11.30 -28.88
N ALA A 55 -16.70 10.86 -30.04
CA ALA A 55 -16.92 9.45 -30.32
C ALA A 55 -16.62 9.15 -31.79
N GLY A 56 -16.42 7.87 -32.10
CA GLY A 56 -16.08 7.46 -33.47
C GLY A 56 -17.26 7.40 -34.43
N GLY A 57 -18.46 7.18 -33.89
CA GLY A 57 -19.68 7.16 -34.70
C GLY A 57 -20.35 5.80 -34.87
N ALA A 58 -19.74 4.76 -34.32
CA ALA A 58 -20.28 3.40 -34.45
C ALA A 58 -21.48 3.15 -33.52
N HIS A 59 -21.61 3.95 -32.46
CA HIS A 59 -22.69 3.78 -31.47
C HIS A 59 -23.45 5.08 -31.25
N LEU A 60 -24.27 5.45 -32.22
CA LEU A 60 -24.96 6.76 -32.20
C LEU A 60 -26.08 6.85 -31.17
N ASP A 61 -26.77 5.73 -30.96
CA ASP A 61 -27.74 5.52 -29.90
C ASP A 61 -27.23 5.97 -28.52
N THR A 62 -26.10 5.43 -28.11
CA THR A 62 -25.42 5.84 -26.86
C THR A 62 -25.07 7.32 -26.88
N LEU A 63 -24.51 7.80 -28.00
CA LEU A 63 -24.08 9.20 -28.09
C LEU A 63 -25.24 10.19 -27.97
N LEU A 64 -26.37 9.88 -28.59
CA LEU A 64 -27.56 10.74 -28.51
C LEU A 64 -28.11 10.83 -27.09
N ARG A 65 -28.07 9.70 -26.38
CA ARG A 65 -28.49 9.66 -24.99
C ARG A 65 -27.56 10.50 -24.14
N GLN A 66 -26.26 10.40 -24.42
CA GLN A 66 -25.25 11.20 -23.70
C GLN A 66 -25.47 12.70 -23.89
N ARG A 67 -25.79 13.12 -25.12
CA ARG A 67 -26.09 14.54 -25.38
C ARG A 67 -27.28 15.03 -24.57
N ALA A 68 -28.36 14.26 -24.57
CA ALA A 68 -29.59 14.61 -23.87
C ALA A 68 -29.39 14.66 -22.36
N GLN A 69 -28.74 13.64 -21.80
CA GLN A 69 -28.50 13.54 -20.35
C GLN A 69 -27.54 14.61 -19.81
N THR A 70 -26.38 14.78 -20.46
CA THR A 70 -25.45 15.85 -20.10
C THR A 70 -25.87 17.24 -20.56
N GLY A 71 -26.65 17.30 -21.64
CA GLY A 71 -27.01 18.59 -22.25
C GLY A 71 -25.86 19.22 -23.03
N VAL A 72 -24.85 18.41 -23.36
CA VAL A 72 -23.68 18.89 -24.10
C VAL A 72 -23.88 18.63 -25.59
N THR A 73 -23.85 19.72 -26.38
CA THR A 73 -23.97 19.66 -27.84
C THR A 73 -22.60 19.86 -28.50
N ASN A 74 -21.61 20.22 -27.68
CA ASN A 74 -20.22 20.34 -28.11
C ASN A 74 -19.63 18.94 -28.31
N ILE A 75 -19.82 18.42 -29.52
CA ILE A 75 -19.56 17.01 -29.80
C ILE A 75 -18.69 16.81 -31.06
N ALA A 76 -17.77 15.85 -30.97
CA ALA A 76 -16.98 15.41 -32.11
C ALA A 76 -17.35 13.99 -32.53
N VAL A 77 -17.59 13.81 -33.84
CA VAL A 77 -17.86 12.50 -34.41
C VAL A 77 -16.87 12.26 -35.55
N ALA A 78 -16.06 11.21 -35.45
CA ALA A 78 -15.00 10.94 -36.43
C ALA A 78 -15.54 10.56 -37.81
N ASP A 79 -16.50 9.64 -37.86
CA ASP A 79 -17.08 9.16 -39.11
C ASP A 79 -18.00 10.23 -39.72
N GLU A 80 -17.65 10.69 -40.92
CA GLU A 80 -18.39 11.77 -41.61
C GLU A 80 -19.85 11.42 -41.88
N HIS A 81 -20.06 10.20 -42.36
CA HIS A 81 -21.40 9.68 -42.65
C HIS A 81 -22.28 9.58 -41.40
N ALA A 82 -21.71 9.03 -40.32
CA ALA A 82 -22.41 8.94 -39.04
C ALA A 82 -22.74 10.33 -38.49
N ALA A 83 -21.79 11.27 -38.63
CA ALA A 83 -22.01 12.64 -38.19
C ALA A 83 -23.12 13.32 -39.00
N GLN A 84 -23.15 13.01 -40.30
CA GLN A 84 -24.18 13.51 -41.21
C GLN A 84 -25.54 12.99 -40.77
N ARG A 85 -25.61 11.67 -40.51
CA ARG A 85 -26.84 11.01 -40.05
C ARG A 85 -27.42 11.57 -38.76
N VAL A 86 -26.57 12.02 -37.85
CA VAL A 86 -27.01 12.69 -36.63
C VAL A 86 -27.44 14.12 -36.95
N GLY A 87 -26.67 14.80 -37.80
CA GLY A 87 -26.89 16.22 -38.10
C GLY A 87 -26.48 17.12 -36.95
N ASP A 88 -25.92 18.28 -37.29
CA ASP A 88 -25.60 19.34 -36.33
C ASP A 88 -24.44 19.04 -35.37
N ILE A 89 -23.58 18.09 -35.76
CA ILE A 89 -22.35 17.81 -35.03
C ILE A 89 -21.32 18.88 -35.41
N PRO A 90 -20.87 19.70 -34.43
CA PRO A 90 -19.95 20.81 -34.74
C PRO A 90 -18.55 20.40 -35.23
N TYR A 91 -18.06 19.24 -34.79
CA TYR A 91 -16.75 18.72 -35.22
C TYR A 91 -16.93 17.34 -35.83
N HIS A 92 -16.57 17.21 -37.11
CA HIS A 92 -16.77 15.94 -37.82
C HIS A 92 -15.64 15.63 -38.80
N GLY A 93 -15.27 14.35 -38.90
CA GLY A 93 -14.10 13.95 -39.69
C GLY A 93 -12.95 13.47 -38.83
N SER A 94 -11.85 13.04 -39.46
CA SER A 94 -10.78 12.32 -38.73
C SER A 94 -10.04 13.18 -37.69
N ASP A 95 -10.00 14.49 -37.91
CA ASP A 95 -9.37 15.42 -36.97
C ASP A 95 -10.35 16.04 -35.97
N ALA A 96 -11.59 15.53 -35.96
CA ALA A 96 -12.66 16.10 -35.14
C ALA A 96 -12.30 16.18 -33.66
N ALA A 97 -11.83 15.08 -33.09
CA ALA A 97 -11.51 15.02 -31.66
C ALA A 97 -10.42 16.02 -31.29
N THR A 98 -9.43 16.17 -32.16
CA THR A 98 -8.33 17.09 -31.95
C THR A 98 -8.83 18.54 -31.96
N ARG A 99 -9.63 18.89 -32.96
CA ARG A 99 -10.20 20.24 -33.05
C ARG A 99 -11.11 20.59 -31.87
N LEU A 100 -11.91 19.61 -31.41
CA LEU A 100 -12.71 19.78 -30.19
C LEU A 100 -11.84 20.16 -29.00
N VAL A 101 -10.73 19.42 -28.83
CA VAL A 101 -9.81 19.68 -27.72
C VAL A 101 -9.17 21.07 -27.84
N GLU A 102 -8.70 21.40 -29.04
CA GLU A 102 -8.08 22.69 -29.33
C GLU A 102 -8.99 23.89 -29.03
N GLN A 103 -10.30 23.70 -29.21
CA GLN A 103 -11.25 24.81 -29.18
C GLN A 103 -12.22 24.82 -27.99
N THR A 104 -12.10 23.85 -27.09
CA THR A 104 -12.96 23.79 -25.90
C THR A 104 -12.17 24.15 -24.63
N GLU A 105 -12.69 25.12 -23.87
CA GLU A 105 -12.10 25.47 -22.58
C GLU A 105 -12.43 24.41 -21.55
N ALA A 106 -11.37 23.86 -20.96
CA ALA A 106 -11.52 22.72 -20.06
C ALA A 106 -10.42 22.69 -19.00
N ASP A 107 -10.70 22.00 -17.91
CA ASP A 107 -9.72 21.78 -16.85
C ASP A 107 -9.06 20.39 -16.98
N VAL A 108 -9.82 19.42 -17.47
CA VAL A 108 -9.37 18.03 -17.61
C VAL A 108 -9.82 17.50 -18.97
N VAL A 109 -8.90 16.85 -19.68
CA VAL A 109 -9.26 16.07 -20.87
C VAL A 109 -9.08 14.60 -20.55
N LEU A 110 -10.18 13.85 -20.58
CA LEU A 110 -10.10 12.39 -20.47
C LEU A 110 -9.95 11.78 -21.85
N ASN A 111 -8.76 11.26 -22.14
CA ASN A 111 -8.54 10.56 -23.41
C ASN A 111 -8.80 9.05 -23.24
N ALA A 112 -10.01 8.65 -23.62
CA ALA A 112 -10.40 7.24 -23.60
C ALA A 112 -10.64 6.73 -25.03
N LEU A 113 -9.97 7.36 -26.00
CA LEU A 113 -9.92 6.83 -27.36
C LEU A 113 -9.11 5.54 -27.38
N VAL A 114 -9.30 4.73 -28.42
CA VAL A 114 -8.54 3.49 -28.53
C VAL A 114 -7.52 3.59 -29.67
N GLY A 115 -6.32 3.07 -29.44
CA GLY A 115 -5.29 3.00 -30.48
C GLY A 115 -4.44 4.24 -30.66
N ALA A 116 -3.46 4.15 -31.55
CA ALA A 116 -2.53 5.25 -31.77
C ALA A 116 -3.16 6.48 -32.43
N LEU A 117 -4.41 6.36 -32.89
CA LEU A 117 -5.18 7.54 -33.36
C LEU A 117 -5.48 8.55 -32.25
N GLY A 118 -5.26 8.16 -30.99
CA GLY A 118 -5.42 9.09 -29.87
C GLY A 118 -4.25 10.06 -29.74
N LEU A 119 -3.23 9.91 -30.58
CA LEU A 119 -1.98 10.70 -30.51
C LEU A 119 -2.17 12.20 -30.66
N ARG A 120 -2.83 12.64 -31.72
CA ARG A 120 -3.05 14.07 -31.90
C ARG A 120 -3.93 14.70 -30.79
N PRO A 121 -5.07 14.07 -30.43
CA PRO A 121 -5.82 14.59 -29.26
C PRO A 121 -5.05 14.67 -27.94
N THR A 122 -4.12 13.74 -27.69
CA THR A 122 -3.24 13.80 -26.52
C THR A 122 -2.31 15.01 -26.59
N LEU A 123 -1.69 15.21 -27.76
CA LEU A 123 -0.78 16.34 -27.94
C LEU A 123 -1.51 17.68 -27.81
N ALA A 124 -2.67 17.79 -28.46
CA ALA A 124 -3.52 18.98 -28.35
C ALA A 124 -3.98 19.25 -26.92
N ALA A 125 -4.39 18.20 -26.20
CA ALA A 125 -4.81 18.33 -24.80
C ALA A 125 -3.70 18.91 -23.92
N LEU A 126 -2.49 18.38 -24.07
CA LEU A 126 -1.34 18.86 -23.30
C LEU A 126 -1.01 20.31 -23.61
N LYS A 127 -1.08 20.68 -24.89
CA LYS A 127 -0.76 22.04 -25.34
C LYS A 127 -1.71 23.11 -24.79
N THR A 128 -2.93 22.70 -24.42
CA THR A 128 -3.90 23.61 -23.80
C THR A 128 -3.61 23.89 -22.33
N GLY A 129 -2.76 23.06 -21.71
CA GLY A 129 -2.46 23.21 -20.28
C GLY A 129 -3.35 22.41 -19.32
N ALA A 130 -4.45 21.84 -19.84
CA ALA A 130 -5.32 20.99 -19.04
C ALA A 130 -4.62 19.71 -18.54
N ARG A 131 -5.08 19.19 -17.41
CA ARG A 131 -4.70 17.84 -16.98
C ARG A 131 -5.15 16.83 -18.03
N LEU A 132 -4.24 15.94 -18.43
CA LEU A 132 -4.60 14.87 -19.34
C LEU A 132 -4.82 13.58 -18.54
N ALA A 133 -6.08 13.22 -18.34
CA ALA A 133 -6.43 11.94 -17.71
C ALA A 133 -6.38 10.88 -18.78
N LEU A 134 -5.30 10.11 -18.79
CA LEU A 134 -4.97 9.25 -19.92
C LEU A 134 -5.39 7.79 -19.72
N ALA A 135 -6.36 7.36 -20.51
CA ALA A 135 -6.68 5.94 -20.62
C ALA A 135 -6.02 5.36 -21.88
N ASN A 136 -5.89 6.21 -22.89
CA ASN A 136 -5.34 5.86 -24.20
C ASN A 136 -3.81 5.72 -24.13
N LYS A 137 -3.35 4.60 -23.56
CA LYS A 137 -1.93 4.41 -23.30
C LYS A 137 -1.09 4.46 -24.60
N GLU A 138 -1.71 4.07 -25.71
CA GLU A 138 -1.03 4.02 -27.01
C GLU A 138 -0.51 5.36 -27.50
N SER A 139 -1.22 6.46 -27.19
CA SER A 139 -0.76 7.79 -27.60
C SER A 139 0.55 8.18 -26.92
N LEU A 140 0.68 7.80 -25.64
CA LEU A 140 1.93 8.03 -24.90
C LEU A 140 3.04 7.09 -25.38
N VAL A 141 2.69 5.81 -25.55
CA VAL A 141 3.65 4.79 -26.03
C VAL A 141 4.24 5.18 -27.40
N ALA A 142 3.36 5.58 -28.32
CA ALA A 142 3.75 5.99 -29.66
C ALA A 142 4.48 7.34 -29.67
N GLY A 143 3.91 8.31 -28.97
CA GLY A 143 4.46 9.66 -28.91
C GLY A 143 5.80 9.76 -28.21
N GLY A 144 5.97 8.95 -27.16
CA GLY A 144 7.22 8.93 -26.38
C GLY A 144 7.70 10.30 -25.94
N SER A 145 8.97 10.60 -26.24
CA SER A 145 9.58 11.88 -25.83
C SER A 145 8.89 13.11 -26.42
N LEU A 146 8.20 12.94 -27.54
CA LEU A 146 7.42 14.03 -28.16
C LEU A 146 6.23 14.42 -27.28
N VAL A 147 5.51 13.42 -26.78
CA VAL A 147 4.42 13.65 -25.84
C VAL A 147 4.97 14.20 -24.51
N LEU A 148 6.08 13.65 -24.02
CA LEU A 148 6.68 14.14 -22.77
C LEU A 148 7.13 15.61 -22.85
N ARG A 149 7.71 16.01 -23.98
CA ARG A 149 8.15 17.40 -24.18
C ARG A 149 7.00 18.40 -24.17
N ALA A 150 5.79 17.92 -24.51
CA ALA A 150 4.59 18.75 -24.54
C ALA A 150 3.95 18.93 -23.16
N ALA A 151 4.32 18.08 -22.22
CA ALA A 151 3.71 18.05 -20.89
C ALA A 151 4.57 18.76 -19.84
N ARG A 152 3.91 19.44 -18.91
CA ARG A 152 4.55 19.88 -17.68
C ARG A 152 4.56 18.69 -16.71
N PRO A 153 5.41 18.73 -15.66
CA PRO A 153 5.43 17.63 -14.69
C PRO A 153 4.06 17.37 -14.04
N GLY A 154 3.64 16.11 -14.01
CA GLY A 154 2.35 15.75 -13.43
C GLY A 154 1.10 16.07 -14.25
N GLN A 155 1.29 16.61 -15.45
CA GLN A 155 0.14 16.96 -16.30
C GLN A 155 -0.59 15.72 -16.78
N ILE A 156 0.15 14.64 -17.03
CA ILE A 156 -0.46 13.38 -17.40
C ILE A 156 -0.77 12.57 -16.13
N VAL A 157 -2.06 12.30 -15.94
CA VAL A 157 -2.52 11.52 -14.79
C VAL A 157 -3.17 10.22 -15.28
N PRO A 158 -2.60 9.06 -14.87
CA PRO A 158 -3.00 7.80 -15.50
C PRO A 158 -4.38 7.29 -15.07
N VAL A 159 -5.15 6.83 -16.05
CA VAL A 159 -6.43 6.16 -15.81
C VAL A 159 -6.21 4.64 -15.76
N ASP A 160 -5.17 4.18 -16.44
CA ASP A 160 -4.80 2.77 -16.48
C ASP A 160 -4.65 2.29 -15.02
N SER A 161 -5.29 1.16 -14.68
CA SER A 161 -5.39 0.74 -13.26
C SER A 161 -4.04 0.54 -12.58
N GLU A 162 -3.09 -0.06 -13.29
CA GLU A 162 -1.74 -0.28 -12.76
C GLU A 162 -1.02 1.04 -12.48
N HIS A 163 -1.11 1.96 -13.41
CA HIS A 163 -0.39 3.23 -13.29
C HIS A 163 -1.02 4.14 -12.25
N SER A 164 -2.33 4.07 -12.13
CA SER A 164 -3.04 4.73 -11.03
C SER A 164 -2.54 4.22 -9.69
N ALA A 165 -2.41 2.90 -9.58
CA ALA A 165 -1.90 2.24 -8.38
C ALA A 165 -0.46 2.67 -8.07
N LEU A 166 0.40 2.66 -9.10
CA LEU A 166 1.78 3.14 -8.95
C LEU A 166 1.85 4.56 -8.41
N ALA A 167 1.04 5.45 -8.99
CA ALA A 167 1.01 6.84 -8.57
C ALA A 167 0.62 7.00 -7.09
N GLN A 168 -0.35 6.19 -6.63
CA GLN A 168 -0.75 6.19 -5.21
C GLN A 168 0.34 5.66 -4.30
N CYS A 169 1.00 4.59 -4.75
CA CYS A 169 2.03 3.89 -3.98
C CYS A 169 3.32 4.70 -3.86
N LEU A 170 3.59 5.53 -4.86
CA LEU A 170 4.76 6.43 -4.85
C LEU A 170 4.67 7.49 -3.76
N ARG A 171 3.46 7.72 -3.24
CA ARG A 171 3.24 8.59 -2.08
C ARG A 171 3.92 8.04 -0.80
N GLY A 172 4.25 6.74 -0.81
CA GLY A 172 4.92 6.07 0.32
C GLY A 172 6.37 6.46 0.60
N GLY A 173 6.99 7.21 -0.30
CA GLY A 173 8.36 7.68 -0.11
C GLY A 173 8.73 8.79 -1.06
N THR A 174 9.96 9.30 -0.92
CA THR A 174 10.48 10.31 -1.85
C THR A 174 11.00 9.60 -3.10
N PRO A 175 11.21 10.36 -4.20
CA PRO A 175 11.73 9.78 -5.44
C PRO A 175 13.05 9.00 -5.28
N ASP A 176 13.99 9.53 -4.48
CA ASP A 176 15.28 8.88 -4.24
C ASP A 176 15.17 7.57 -3.42
N GLU A 177 13.99 7.32 -2.86
CA GLU A 177 13.76 6.12 -2.06
C GLU A 177 13.15 4.95 -2.84
N VAL A 178 12.83 5.20 -4.11
CA VAL A 178 12.24 4.17 -4.96
C VAL A 178 13.32 3.22 -5.45
N ALA A 179 13.14 1.92 -5.15
CA ALA A 179 14.02 0.89 -5.67
C ALA A 179 13.46 0.27 -6.95
N LYS A 180 12.19 -0.15 -6.92
CA LYS A 180 11.55 -0.86 -8.02
C LYS A 180 10.06 -0.57 -8.11
N LEU A 181 9.54 -0.58 -9.33
CA LEU A 181 8.09 -0.51 -9.55
C LEU A 181 7.65 -1.89 -9.98
N VAL A 182 6.61 -2.41 -9.34
CA VAL A 182 6.14 -3.77 -9.59
C VAL A 182 4.75 -3.73 -10.23
N LEU A 183 4.74 -3.95 -11.55
CA LEU A 183 3.53 -4.00 -12.34
C LEU A 183 2.92 -5.40 -12.25
N THR A 184 1.67 -5.49 -11.80
CA THR A 184 0.95 -6.78 -11.79
C THR A 184 0.26 -7.04 -13.13
N ALA A 185 0.10 -8.31 -13.48
CA ALA A 185 -0.58 -8.72 -14.71
C ALA A 185 -1.56 -9.86 -14.41
N SER A 186 -2.76 -9.81 -15.00
CA SER A 186 -3.75 -10.88 -14.79
C SER A 186 -3.25 -12.22 -15.33
N GLY A 187 -2.43 -12.17 -16.37
CA GLY A 187 -1.95 -13.36 -17.05
C GLY A 187 -2.79 -13.76 -18.26
N GLY A 188 -3.99 -13.18 -18.35
CA GLY A 188 -4.94 -13.48 -19.44
C GLY A 188 -5.58 -14.87 -19.32
N PRO A 189 -6.49 -15.21 -20.25
CA PRO A 189 -7.16 -16.53 -20.20
C PRO A 189 -6.20 -17.70 -20.43
N PHE A 190 -5.01 -17.43 -20.97
CA PHE A 190 -4.09 -18.50 -21.35
C PHE A 190 -2.87 -18.60 -20.44
N ARG A 191 -2.99 -18.02 -19.25
CA ARG A 191 -2.00 -18.19 -18.19
C ARG A 191 -1.76 -19.69 -17.93
N GLY A 192 -0.51 -20.11 -17.97
CA GLY A 192 -0.15 -21.51 -17.73
C GLY A 192 -0.17 -22.39 -18.96
N TRP A 193 -0.69 -21.88 -20.07
CA TRP A 193 -0.73 -22.63 -21.34
C TRP A 193 0.64 -22.76 -21.97
N SER A 194 0.86 -23.88 -22.66
CA SER A 194 2.10 -24.11 -23.39
C SER A 194 2.11 -23.34 -24.71
N ALA A 195 3.29 -23.23 -25.33
CA ALA A 195 3.41 -22.66 -26.66
C ALA A 195 2.54 -23.41 -27.68
N ALA A 196 2.52 -24.74 -27.58
CA ALA A 196 1.70 -25.60 -28.43
C ALA A 196 0.20 -25.34 -28.22
N ASP A 197 -0.19 -25.19 -26.96
CA ASP A 197 -1.58 -24.84 -26.59
C ASP A 197 -2.06 -23.57 -27.27
N LEU A 198 -1.19 -22.57 -27.36
CA LEU A 198 -1.51 -21.26 -27.91
C LEU A 198 -1.79 -21.27 -29.42
N GLU A 199 -1.19 -22.22 -30.12
CA GLU A 199 -1.37 -22.36 -31.58
C GLU A 199 -2.83 -22.46 -32.00
N HIS A 200 -3.66 -22.98 -31.10
CA HIS A 200 -5.07 -23.27 -31.40
C HIS A 200 -6.05 -22.25 -30.82
N VAL A 201 -5.53 -21.14 -30.30
CA VAL A 201 -6.37 -20.09 -29.75
C VAL A 201 -7.21 -19.44 -30.87
N THR A 202 -8.52 -19.37 -30.65
CA THR A 202 -9.43 -18.72 -31.60
C THR A 202 -9.71 -17.27 -31.16
N PRO A 203 -10.10 -16.40 -32.11
CA PRO A 203 -10.52 -15.04 -31.76
C PRO A 203 -11.57 -14.96 -30.64
N GLU A 204 -12.56 -15.86 -30.65
CA GLU A 204 -13.60 -15.89 -29.60
C GLU A 204 -13.06 -16.19 -28.20
N GLN A 205 -12.06 -17.07 -28.12
CA GLN A 205 -11.33 -17.36 -26.87
C GLN A 205 -10.54 -16.15 -26.34
N ALA A 206 -9.97 -15.37 -27.26
CA ALA A 206 -9.16 -14.21 -26.89
C ALA A 206 -10.00 -12.94 -26.82
N GLY A 207 -11.32 -13.10 -26.76
CA GLY A 207 -12.27 -11.98 -26.69
C GLY A 207 -13.27 -12.15 -25.56
N MET A 214 -14.38 -4.14 -21.27
CA MET A 214 -13.40 -3.46 -22.13
C MET A 214 -13.52 -3.89 -23.60
N GLY A 215 -12.96 -3.07 -24.49
CA GLY A 215 -13.02 -3.29 -25.93
C GLY A 215 -12.20 -4.46 -26.44
N PRO A 216 -12.44 -4.90 -27.70
CA PRO A 216 -11.82 -6.07 -28.33
C PRO A 216 -10.30 -6.01 -28.43
N MET A 217 -9.77 -4.79 -28.58
CA MET A 217 -8.33 -4.59 -28.67
C MET A 217 -7.63 -4.84 -27.32
N ASN A 218 -8.15 -4.23 -26.25
CA ASN A 218 -7.59 -4.41 -24.91
C ASN A 218 -7.83 -5.81 -24.36
N THR A 219 -8.94 -6.44 -24.76
CA THR A 219 -9.18 -7.82 -24.38
C THR A 219 -8.12 -8.72 -25.03
N LEU A 220 -7.87 -8.51 -26.33
CA LEU A 220 -6.87 -9.31 -27.04
C LEU A 220 -5.46 -9.04 -26.53
N ASN A 221 -5.11 -7.76 -26.38
CA ASN A 221 -3.82 -7.34 -25.84
C ASN A 221 -3.54 -7.91 -24.44
N SER A 222 -4.58 -8.03 -23.62
CA SER A 222 -4.51 -8.70 -22.32
C SER A 222 -4.13 -10.18 -22.46
N ALA A 223 -4.82 -10.88 -23.37
CA ALA A 223 -4.53 -12.29 -23.65
C ALA A 223 -3.11 -12.56 -24.20
N SER A 224 -2.62 -11.66 -25.05
CA SER A 224 -1.32 -11.83 -25.73
C SER A 224 -0.15 -11.32 -24.90
N LEU A 225 -0.47 -10.57 -23.85
CA LEU A 225 0.49 -9.92 -22.98
C LEU A 225 1.11 -8.67 -23.60
N VAL A 226 0.65 -8.30 -24.80
CA VAL A 226 1.09 -7.06 -25.43
C VAL A 226 0.61 -5.86 -24.60
N ASN A 227 -0.58 -5.98 -24.01
CA ASN A 227 -1.06 -4.91 -23.11
C ASN A 227 -0.06 -4.60 -22.01
N LYS A 228 0.43 -5.65 -21.36
CA LYS A 228 1.43 -5.51 -20.31
C LYS A 228 2.74 -4.91 -20.84
N GLY A 229 3.12 -5.28 -22.06
CA GLY A 229 4.29 -4.66 -22.71
C GLY A 229 4.12 -3.17 -22.93
N LEU A 230 2.95 -2.78 -23.44
CA LEU A 230 2.61 -1.35 -23.56
C LEU A 230 2.66 -0.64 -22.19
N GLU A 231 2.22 -1.34 -21.15
CA GLU A 231 2.17 -0.78 -19.81
C GLU A 231 3.56 -0.62 -19.18
N VAL A 232 4.49 -1.51 -19.53
CA VAL A 232 5.90 -1.34 -19.11
C VAL A 232 6.45 -0.04 -19.71
N ILE A 233 6.22 0.17 -21.01
CA ILE A 233 6.63 1.39 -21.70
C ILE A 233 5.94 2.62 -21.09
N GLU A 234 4.62 2.52 -20.89
CA GLU A 234 3.85 3.56 -20.20
C GLU A 234 4.45 3.88 -18.82
N THR A 235 4.86 2.85 -18.08
CA THR A 235 5.47 3.07 -16.75
C THR A 235 6.77 3.89 -16.85
N HIS A 236 7.65 3.48 -17.75
CA HIS A 236 8.91 4.20 -17.97
C HIS A 236 8.68 5.66 -18.34
N LEU A 237 7.71 5.91 -19.23
CA LEU A 237 7.43 7.27 -19.70
C LEU A 237 6.76 8.16 -18.63
N LEU A 238 5.80 7.62 -17.89
CA LEU A 238 5.12 8.39 -16.84
C LEU A 238 6.01 8.74 -15.64
N PHE A 239 6.80 7.78 -15.21
CA PHE A 239 7.48 7.85 -13.91
C PHE A 239 9.01 8.01 -13.99
N GLY A 240 9.55 7.91 -15.21
CA GLY A 240 10.97 8.09 -15.45
C GLY A 240 11.87 7.03 -14.82
N ILE A 241 11.32 5.85 -14.58
CA ILE A 241 12.08 4.78 -13.96
C ILE A 241 12.72 3.90 -15.05
N PRO A 242 14.01 3.54 -14.90
CA PRO A 242 14.70 2.69 -15.89
C PRO A 242 14.00 1.35 -16.09
N TYR A 243 14.05 0.84 -17.31
CA TYR A 243 13.41 -0.43 -17.65
C TYR A 243 13.86 -1.60 -16.76
N ASP A 244 15.12 -1.60 -16.35
CA ASP A 244 15.61 -2.69 -15.51
C ASP A 244 15.15 -2.58 -14.06
N ARG A 245 14.40 -1.53 -13.74
CA ARG A 245 13.80 -1.38 -12.41
C ARG A 245 12.26 -1.46 -12.45
N ILE A 246 11.73 -1.95 -13.57
CA ILE A 246 10.29 -2.20 -13.73
C ILE A 246 10.07 -3.70 -13.83
N ASP A 247 9.51 -4.27 -12.76
CA ASP A 247 9.25 -5.70 -12.68
C ASP A 247 7.81 -5.99 -13.09
N VAL A 248 7.58 -7.15 -13.68
CA VAL A 248 6.22 -7.61 -13.98
C VAL A 248 5.99 -8.91 -13.22
N VAL A 249 4.88 -8.98 -12.50
N VAL A 249 4.86 -8.99 -12.52
CA VAL A 249 4.49 -10.20 -11.79
CA VAL A 249 4.47 -10.17 -11.74
C VAL A 249 3.06 -10.57 -12.14
C VAL A 249 3.04 -10.57 -12.09
N VAL A 250 2.80 -11.86 -12.31
CA VAL A 250 1.47 -12.34 -12.61
C VAL A 250 0.68 -12.48 -11.30
N HIS A 251 -0.52 -11.88 -11.31
CA HIS A 251 -1.42 -11.86 -10.16
C HIS A 251 -2.84 -12.14 -10.66
N PRO A 252 -3.23 -13.43 -10.72
CA PRO A 252 -4.48 -13.79 -11.40
C PRO A 252 -5.76 -13.13 -10.87
N GLN A 253 -5.79 -12.75 -9.59
CA GLN A 253 -7.00 -12.18 -8.98
C GLN A 253 -7.26 -10.73 -9.40
N SER A 254 -6.23 -10.03 -9.87
CA SER A 254 -6.31 -8.59 -10.19
C SER A 254 -6.93 -7.74 -9.04
N ILE A 255 -6.54 -8.05 -7.82
CA ILE A 255 -6.95 -7.27 -6.66
C ILE A 255 -5.88 -6.24 -6.33
N ILE A 256 -4.63 -6.71 -6.23
CA ILE A 256 -3.45 -5.83 -6.22
C ILE A 256 -3.24 -5.28 -7.64
N HIS A 257 -3.25 -3.95 -7.78
CA HIS A 257 -3.13 -3.36 -9.12
C HIS A 257 -1.72 -2.96 -9.52
N SER A 258 -0.84 -2.87 -8.54
CA SER A 258 0.62 -2.69 -8.71
C SER A 258 1.19 -2.27 -7.36
N MET A 259 2.52 -2.27 -7.29
CA MET A 259 3.25 -2.02 -6.05
C MET A 259 4.53 -1.26 -6.31
N VAL A 260 5.03 -0.59 -5.29
CA VAL A 260 6.35 0.05 -5.32
C VAL A 260 7.22 -0.48 -4.15
N THR A 261 8.43 -0.91 -4.49
CA THR A 261 9.41 -1.35 -3.52
C THR A 261 10.40 -0.22 -3.26
N PHE A 262 10.58 0.10 -1.99
CA PHE A 262 11.47 1.17 -1.58
C PHE A 262 12.81 0.59 -1.10
N ILE A 263 13.81 1.46 -1.00
CA ILE A 263 15.22 1.07 -0.74
C ILE A 263 15.48 0.42 0.64
N ASP A 264 14.52 0.57 1.55
CA ASP A 264 14.63 -0.06 2.88
C ASP A 264 14.09 -1.49 2.92
N GLY A 265 13.45 -1.92 1.83
CA GLY A 265 12.82 -3.24 1.75
C GLY A 265 11.31 -3.21 1.91
N SER A 266 10.75 -2.04 2.16
CA SER A 266 9.29 -1.91 2.27
C SER A 266 8.64 -1.82 0.89
N THR A 267 7.53 -2.53 0.73
CA THR A 267 6.70 -2.47 -0.48
C THR A 267 5.35 -1.89 -0.10
N ILE A 268 4.91 -0.90 -0.87
CA ILE A 268 3.57 -0.33 -0.73
C ILE A 268 2.78 -0.70 -1.98
N ALA A 269 1.59 -1.26 -1.75
CA ALA A 269 0.74 -1.81 -2.80
C ALA A 269 -0.67 -1.22 -2.75
N GLN A 270 -1.30 -1.09 -3.91
CA GLN A 270 -2.70 -0.65 -3.97
C GLN A 270 -3.61 -1.83 -4.35
N ALA A 271 -4.70 -1.96 -3.62
CA ALA A 271 -5.64 -3.06 -3.81
C ALA A 271 -7.08 -2.58 -3.80
N SER A 272 -7.89 -3.18 -4.68
CA SER A 272 -9.34 -2.96 -4.75
C SER A 272 -9.97 -4.01 -5.67
N PRO A 273 -11.23 -4.41 -5.40
CA PRO A 273 -11.94 -5.22 -6.39
C PRO A 273 -11.88 -4.54 -7.76
N PRO A 274 -11.63 -5.31 -8.83
CA PRO A 274 -11.56 -4.69 -10.16
C PRO A 274 -12.79 -3.83 -10.44
N ASP A 275 -12.54 -2.56 -10.77
CA ASP A 275 -13.58 -1.57 -11.08
C ASP A 275 -12.84 -0.32 -11.55
N MET A 276 -12.94 -0.04 -12.85
CA MET A 276 -12.24 1.11 -13.46
C MET A 276 -12.72 2.48 -12.98
N LYS A 277 -13.90 2.54 -12.36
CA LYS A 277 -14.40 3.79 -11.80
C LYS A 277 -13.48 4.34 -10.70
N LEU A 278 -12.71 3.47 -10.06
CA LEU A 278 -11.74 3.92 -9.06
C LEU A 278 -10.60 4.74 -9.71
N PRO A 279 -9.78 4.11 -10.59
CA PRO A 279 -8.75 4.92 -11.27
C PRO A 279 -9.27 6.11 -12.11
N ILE A 280 -10.43 5.96 -12.75
CA ILE A 280 -11.06 7.06 -13.50
C ILE A 280 -11.33 8.25 -12.56
N SER A 281 -11.97 7.97 -11.43
CA SER A 281 -12.36 9.00 -10.47
C SER A 281 -11.16 9.75 -9.92
N LEU A 282 -10.10 9.03 -9.57
CA LEU A 282 -8.87 9.64 -9.07
C LEU A 282 -8.14 10.49 -10.13
N ALA A 283 -8.15 10.03 -11.39
CA ALA A 283 -7.49 10.77 -12.48
C ALA A 283 -8.20 12.10 -12.79
N LEU A 284 -9.52 12.07 -12.79
CA LEU A 284 -10.34 13.27 -13.03
C LEU A 284 -10.12 14.33 -11.95
N GLY A 285 -10.11 13.90 -10.68
CA GLY A 285 -10.01 14.83 -9.56
C GLY A 285 -8.67 14.92 -8.85
N TRP A 286 -7.61 14.37 -9.45
CA TRP A 286 -6.28 14.35 -8.84
C TRP A 286 -5.92 15.72 -8.25
N PRO A 287 -5.37 15.77 -7.01
CA PRO A 287 -5.01 14.66 -6.13
C PRO A 287 -6.12 14.11 -5.23
N ARG A 288 -7.32 14.69 -5.32
CA ARG A 288 -8.38 14.41 -4.36
C ARG A 288 -9.14 13.13 -4.67
N ARG A 289 -9.29 12.28 -3.65
CA ARG A 289 -10.06 11.05 -3.80
C ARG A 289 -11.55 11.38 -3.80
N VAL A 290 -12.30 10.57 -4.54
CA VAL A 290 -13.73 10.78 -4.74
C VAL A 290 -14.52 9.76 -3.91
N SER A 291 -15.20 10.24 -2.87
CA SER A 291 -15.97 9.39 -1.97
C SER A 291 -16.94 8.50 -2.74
N GLY A 292 -16.92 7.20 -2.43
CA GLY A 292 -17.88 6.23 -2.96
C GLY A 292 -17.69 5.78 -4.40
N ALA A 293 -16.52 6.06 -4.98
CA ALA A 293 -16.28 5.75 -6.38
C ALA A 293 -16.41 4.25 -6.66
N ALA A 294 -15.85 3.44 -5.79
CA ALA A 294 -15.82 2.00 -5.99
C ALA A 294 -15.94 1.31 -4.65
N ALA A 295 -16.29 0.02 -4.67
CA ALA A 295 -16.32 -0.80 -3.47
C ALA A 295 -14.89 -1.07 -3.01
N ALA A 296 -14.70 -1.08 -1.69
CA ALA A 296 -13.42 -1.44 -1.11
C ALA A 296 -13.30 -2.96 -0.96
N CYS A 297 -12.06 -3.43 -0.82
CA CYS A 297 -11.79 -4.80 -0.41
C CYS A 297 -12.60 -5.17 0.84
N ASP A 298 -13.21 -6.35 0.82
CA ASP A 298 -14.02 -6.82 1.93
C ASP A 298 -13.24 -7.89 2.69
N PHE A 299 -12.77 -7.55 3.88
CA PHE A 299 -11.97 -8.48 4.66
C PHE A 299 -12.78 -9.21 5.73
N HIS A 300 -14.09 -9.26 5.51
CA HIS A 300 -15.00 -10.02 6.36
C HIS A 300 -15.39 -11.32 5.66
N THR A 301 -14.79 -11.55 4.50
CA THR A 301 -14.89 -12.85 3.84
C THR A 301 -13.50 -13.26 3.36
N ALA A 302 -13.26 -14.57 3.36
CA ALA A 302 -11.94 -15.13 3.07
C ALA A 302 -11.52 -14.89 1.62
N SER A 303 -10.22 -14.72 1.40
CA SER A 303 -9.68 -14.56 0.05
C SER A 303 -8.17 -14.81 0.01
N SER A 304 -7.63 -14.98 -1.20
CA SER A 304 -6.19 -15.09 -1.38
C SER A 304 -5.69 -14.28 -2.59
N TRP A 305 -4.54 -13.65 -2.40
CA TRP A 305 -3.90 -12.88 -3.45
C TRP A 305 -2.63 -13.63 -3.86
N GLU A 306 -2.65 -14.17 -5.07
CA GLU A 306 -1.59 -15.06 -5.55
C GLU A 306 -0.68 -14.36 -6.52
N PHE A 307 0.60 -14.73 -6.47
CA PHE A 307 1.63 -14.20 -7.35
C PHE A 307 2.43 -15.35 -7.96
N GLU A 308 2.74 -15.23 -9.24
CA GLU A 308 3.58 -16.20 -9.94
C GLU A 308 4.40 -15.44 -10.98
N PRO A 309 5.60 -15.97 -11.33
CA PRO A 309 6.38 -15.28 -12.37
C PRO A 309 5.71 -15.42 -13.74
N LEU A 310 5.95 -14.45 -14.61
CA LEU A 310 5.52 -14.57 -16.01
C LEU A 310 6.43 -15.57 -16.72
N ASP A 311 5.82 -16.42 -17.54
CA ASP A 311 6.55 -17.34 -18.41
C ASP A 311 6.98 -16.58 -19.68
N THR A 312 8.18 -16.01 -19.67
CA THR A 312 8.63 -15.15 -20.77
C THR A 312 8.98 -15.91 -22.07
N ASP A 313 9.30 -17.20 -21.94
CA ASP A 313 9.48 -18.05 -23.12
C ASP A 313 8.19 -18.14 -23.94
N VAL A 314 7.10 -18.45 -23.25
CA VAL A 314 5.80 -18.60 -23.88
C VAL A 314 5.19 -17.23 -24.23
N PHE A 315 5.36 -16.26 -23.33
CA PHE A 315 4.82 -14.91 -23.52
C PHE A 315 5.94 -13.84 -23.58
N PRO A 316 6.60 -13.70 -24.74
CA PRO A 316 7.74 -12.77 -24.85
C PRO A 316 7.41 -11.30 -25.16
N ALA A 317 6.13 -10.96 -25.21
CA ALA A 317 5.67 -9.60 -25.57
C ALA A 317 6.18 -8.50 -24.63
N VAL A 318 6.32 -8.83 -23.36
CA VAL A 318 6.80 -7.87 -22.37
C VAL A 318 8.28 -7.59 -22.59
N GLU A 319 9.06 -8.64 -22.90
CA GLU A 319 10.48 -8.49 -23.18
C GLU A 319 10.74 -7.68 -24.45
N LEU A 320 9.92 -7.95 -25.48
CA LEU A 320 9.98 -7.19 -26.71
C LEU A 320 9.70 -5.71 -26.45
N ALA A 321 8.73 -5.44 -25.57
CA ALA A 321 8.42 -4.07 -25.18
C ALA A 321 9.61 -3.37 -24.52
N ARG A 322 10.30 -4.07 -23.62
CA ARG A 322 11.52 -3.56 -22.98
C ARG A 322 12.60 -3.25 -24.02
N GLN A 323 12.78 -4.15 -24.99
CA GLN A 323 13.76 -3.95 -26.06
C GLN A 323 13.42 -2.69 -26.87
N ALA A 324 12.15 -2.56 -27.29
CA ALA A 324 11.68 -1.35 -27.97
C ALA A 324 11.88 -0.10 -27.13
N GLY A 325 11.54 -0.19 -25.84
CA GLY A 325 11.67 0.96 -24.94
C GLY A 325 13.10 1.44 -24.73
N VAL A 326 14.02 0.49 -24.56
CA VAL A 326 15.44 0.78 -24.37
C VAL A 326 16.05 1.43 -25.61
N ALA A 327 15.70 0.91 -26.79
CA ALA A 327 16.03 1.58 -28.07
C ALA A 327 15.49 3.02 -28.11
N GLY A 328 14.25 3.21 -27.67
CA GLY A 328 13.69 4.55 -27.51
C GLY A 328 13.34 5.22 -28.83
N GLY A 329 13.16 6.54 -28.77
CA GLY A 329 12.81 7.33 -29.96
C GLY A 329 11.49 6.90 -30.52
N CYS A 330 11.47 6.49 -31.79
CA CYS A 330 10.23 6.04 -32.45
C CYS A 330 10.00 4.52 -32.36
N MET A 331 10.88 3.81 -31.65
CA MET A 331 10.78 2.34 -31.59
C MET A 331 9.54 1.83 -30.85
N THR A 332 9.07 2.58 -29.88
CA THR A 332 7.86 2.23 -29.16
C THR A 332 6.60 2.43 -30.03
N ALA A 333 6.63 3.44 -30.90
CA ALA A 333 5.59 3.61 -31.92
C ALA A 333 5.55 2.40 -32.87
N VAL A 334 6.73 1.93 -33.26
CA VAL A 334 6.85 0.74 -34.10
C VAL A 334 6.23 -0.50 -33.44
N TYR A 335 6.60 -0.73 -32.18
CA TYR A 335 6.08 -1.83 -31.38
C TYR A 335 4.55 -1.84 -31.38
N ASN A 336 3.95 -0.71 -31.04
CA ASN A 336 2.49 -0.61 -31.01
C ASN A 336 1.84 -0.80 -32.38
N ALA A 337 2.38 -0.11 -33.38
CA ALA A 337 1.79 -0.13 -34.73
C ALA A 337 1.82 -1.54 -35.32
N ALA A 338 2.94 -2.24 -35.11
CA ALA A 338 3.09 -3.62 -35.55
C ALA A 338 2.05 -4.52 -34.87
N ASN A 339 1.81 -4.30 -33.58
CA ASN A 339 0.74 -5.01 -32.87
C ASN A 339 -0.65 -4.72 -33.43
N GLU A 340 -0.95 -3.44 -33.70
CA GLU A 340 -2.26 -3.08 -34.24
C GLU A 340 -2.61 -3.84 -35.52
N GLU A 341 -1.63 -3.99 -36.41
CA GLU A 341 -1.83 -4.69 -37.68
C GLU A 341 -1.92 -6.20 -37.49
N ALA A 342 -0.98 -6.77 -36.75
CA ALA A 342 -0.98 -8.21 -36.46
C ALA A 342 -2.25 -8.65 -35.72
N ALA A 343 -2.69 -7.82 -34.76
CA ALA A 343 -3.91 -8.10 -34.00
C ALA A 343 -5.13 -8.09 -34.91
N ALA A 344 -5.18 -7.11 -35.83
CA ALA A 344 -6.28 -7.01 -36.79
C ALA A 344 -6.36 -8.28 -37.65
N ALA A 345 -5.19 -8.77 -38.09
CA ALA A 345 -5.08 -10.00 -38.89
C ALA A 345 -5.50 -11.25 -38.12
N PHE A 346 -5.12 -11.33 -36.84
CA PHE A 346 -5.58 -12.44 -36.00
C PHE A 346 -7.11 -12.43 -35.84
N LEU A 347 -7.67 -11.27 -35.53
CA LEU A 347 -9.12 -11.15 -35.34
C LEU A 347 -9.93 -11.41 -36.62
N ALA A 348 -9.31 -11.16 -37.77
CA ALA A 348 -9.92 -11.43 -39.07
C ALA A 348 -9.74 -12.89 -39.50
N GLY A 349 -8.97 -13.67 -38.72
CA GLY A 349 -8.78 -15.10 -38.97
C GLY A 349 -7.70 -15.43 -40.00
N ARG A 350 -6.81 -14.47 -40.23
CA ARG A 350 -5.74 -14.56 -41.24
C ARG A 350 -4.45 -15.20 -40.73
N ILE A 351 -4.15 -15.00 -39.45
CA ILE A 351 -2.96 -15.59 -38.82
C ILE A 351 -3.35 -16.25 -37.48
N GLY A 352 -2.50 -17.16 -37.00
CA GLY A 352 -2.68 -17.76 -35.68
C GLY A 352 -2.32 -16.82 -34.55
N PHE A 353 -2.75 -17.18 -33.33
CA PHE A 353 -2.46 -16.40 -32.13
C PHE A 353 -0.97 -16.10 -31.87
N PRO A 354 -0.09 -17.13 -31.90
CA PRO A 354 1.35 -16.90 -31.65
C PRO A 354 2.02 -16.01 -32.70
N ALA A 355 1.36 -15.84 -33.85
CA ALA A 355 1.89 -14.98 -34.92
C ALA A 355 1.85 -13.48 -34.57
N ILE A 356 0.96 -13.09 -33.66
CA ILE A 356 0.89 -11.68 -33.23
C ILE A 356 2.25 -11.19 -32.77
N VAL A 357 2.81 -11.86 -31.76
CA VAL A 357 4.11 -11.47 -31.19
C VAL A 357 5.29 -11.84 -32.12
N GLY A 358 5.11 -12.88 -32.93
CA GLY A 358 6.08 -13.22 -33.99
C GLY A 358 6.26 -12.05 -34.95
N ILE A 359 5.14 -11.52 -35.45
CA ILE A 359 5.18 -10.35 -36.32
C ILE A 359 5.81 -9.12 -35.64
N ILE A 360 5.45 -8.85 -34.38
CA ILE A 360 6.02 -7.70 -33.65
C ILE A 360 7.56 -7.79 -33.60
N ALA A 361 8.08 -8.97 -33.24
CA ALA A 361 9.53 -9.23 -33.19
C ALA A 361 10.20 -9.07 -34.55
N ASP A 362 9.58 -9.64 -35.59
CA ASP A 362 10.09 -9.50 -36.95
C ASP A 362 10.16 -8.03 -37.41
N VAL A 363 9.13 -7.25 -37.08
CA VAL A 363 9.09 -5.84 -37.45
C VAL A 363 10.14 -5.03 -36.67
N LEU A 364 10.17 -5.21 -35.35
CA LEU A 364 11.12 -4.49 -34.49
C LEU A 364 12.56 -4.72 -34.88
N HIS A 365 12.86 -5.94 -35.30
CA HIS A 365 14.25 -6.29 -35.59
C HIS A 365 14.73 -5.74 -36.95
N ALA A 366 13.78 -5.34 -37.80
CA ALA A 366 14.07 -4.59 -39.04
C ALA A 366 14.05 -3.07 -38.88
N ALA A 367 13.77 -2.60 -37.66
CA ALA A 367 13.41 -1.18 -37.43
C ALA A 367 14.57 -0.26 -37.06
N ASP A 368 15.78 -0.63 -37.48
CA ASP A 368 17.01 0.13 -37.20
C ASP A 368 16.88 1.65 -37.11
N GLN A 369 16.33 2.25 -38.15
CA GLN A 369 16.36 3.70 -38.31
C GLN A 369 15.43 4.48 -37.38
N TRP A 370 14.53 3.78 -36.70
CA TRP A 370 13.50 4.42 -35.88
C TRP A 370 13.89 4.62 -34.40
N ALA A 371 15.16 4.38 -34.09
CA ALA A 371 15.71 4.69 -32.75
C ALA A 371 15.85 6.20 -32.53
N VAL A 372 15.87 6.96 -33.62
CA VAL A 372 15.99 8.41 -33.56
C VAL A 372 14.77 9.06 -32.88
N GLU A 373 15.03 10.07 -32.05
CA GLU A 373 13.98 10.76 -31.32
C GLU A 373 13.10 11.55 -32.27
N PRO A 374 11.77 11.44 -32.10
CA PRO A 374 10.87 12.23 -32.95
C PRO A 374 11.03 13.71 -32.65
N ALA A 375 11.10 14.52 -33.70
CA ALA A 375 11.13 15.97 -33.57
C ALA A 375 9.70 16.50 -33.64
N THR A 376 8.89 15.89 -34.51
CA THR A 376 7.53 16.33 -34.78
C THR A 376 6.59 15.13 -34.78
N VAL A 377 5.29 15.40 -34.75
CA VAL A 377 4.29 14.36 -34.90
C VAL A 377 4.54 13.56 -36.19
N ASP A 378 4.98 14.24 -37.24
CA ASP A 378 5.20 13.59 -38.54
C ASP A 378 6.24 12.48 -38.45
N ASP A 379 7.27 12.67 -37.63
CA ASP A 379 8.29 11.64 -37.39
C ASP A 379 7.65 10.37 -36.80
N VAL A 380 6.75 10.56 -35.83
CA VAL A 380 6.00 9.41 -35.24
C VAL A 380 5.11 8.73 -36.29
N LEU A 381 4.42 9.55 -37.09
CA LEU A 381 3.53 9.02 -38.12
C LEU A 381 4.31 8.30 -39.21
N ASP A 382 5.53 8.76 -39.51
CA ASP A 382 6.39 8.10 -40.49
C ASP A 382 6.79 6.71 -39.99
N ALA A 383 7.20 6.63 -38.72
CA ALA A 383 7.56 5.37 -38.07
C ALA A 383 6.42 4.36 -38.08
N GLN A 384 5.22 4.83 -37.72
CA GLN A 384 4.03 3.98 -37.72
C GLN A 384 3.67 3.50 -39.13
N ARG A 385 3.72 4.41 -40.09
CA ARG A 385 3.47 4.07 -41.49
C ARG A 385 4.41 2.96 -41.93
N TRP A 386 5.70 3.12 -41.64
CA TRP A 386 6.69 2.09 -41.98
C TRP A 386 6.34 0.77 -41.27
N ALA A 387 6.03 0.85 -39.99
CA ALA A 387 5.74 -0.34 -39.18
C ALA A 387 4.52 -1.12 -39.67
N ARG A 388 3.46 -0.41 -40.07
CA ARG A 388 2.23 -1.05 -40.59
C ARG A 388 2.48 -1.80 -41.91
N GLU A 389 3.27 -1.17 -42.78
CA GLU A 389 3.69 -1.76 -44.05
C GLU A 389 4.55 -3.01 -43.81
N ARG A 390 5.54 -2.91 -42.95
CA ARG A 390 6.39 -4.05 -42.61
C ARG A 390 5.60 -5.20 -41.97
N ALA A 391 4.61 -4.87 -41.14
CA ALA A 391 3.74 -5.88 -40.54
C ALA A 391 2.93 -6.61 -41.60
N GLN A 392 2.40 -5.87 -42.58
CA GLN A 392 1.68 -6.48 -43.71
C GLN A 392 2.58 -7.41 -44.50
N ARG A 393 3.81 -6.97 -44.78
CA ARG A 393 4.82 -7.81 -45.41
C ARG A 393 4.98 -9.14 -44.66
N ALA A 394 5.09 -9.04 -43.32
CA ALA A 394 5.20 -10.22 -42.46
C ALA A 394 3.99 -11.14 -42.56
N VAL A 395 2.79 -10.55 -42.54
CA VAL A 395 1.54 -11.31 -42.73
C VAL A 395 1.53 -12.01 -44.09
N SER A 396 1.94 -11.27 -45.14
CA SER A 396 2.01 -11.82 -46.51
C SER A 396 2.90 -13.05 -46.63
N GLY A 397 3.86 -13.19 -45.71
CA GLY A 397 4.78 -14.33 -45.70
C GLY A 397 4.28 -15.55 -44.95
N MET A 398 3.04 -15.48 -44.48
CA MET A 398 2.40 -16.53 -43.67
C MET A 398 1.22 -17.14 -44.39
N GLY B 20 21.20 14.69 8.26
CA GLY B 20 22.37 14.67 9.20
C GLY B 20 22.32 13.51 10.17
N ARG B 21 23.17 13.54 11.19
CA ARG B 21 23.28 12.44 12.14
C ARG B 21 22.32 12.61 13.32
N LEU B 22 21.48 11.61 13.56
CA LEU B 22 20.53 11.68 14.67
C LEU B 22 21.15 11.13 15.94
N ARG B 23 21.00 11.87 17.03
CA ARG B 23 21.44 11.41 18.35
C ARG B 23 20.31 10.59 18.98
N VAL B 24 20.61 9.33 19.27
CA VAL B 24 19.61 8.35 19.74
C VAL B 24 19.90 7.87 21.15
N VAL B 25 18.90 7.99 22.01
CA VAL B 25 18.91 7.34 23.33
C VAL B 25 18.13 6.01 23.21
N VAL B 26 18.78 4.91 23.53
CA VAL B 26 18.12 3.61 23.48
C VAL B 26 17.74 3.16 24.89
N LEU B 27 16.43 3.19 25.17
CA LEU B 27 15.91 2.69 26.44
C LEU B 27 15.49 1.22 26.28
N GLY B 28 15.98 0.36 27.17
CA GLY B 28 15.76 -1.08 27.07
C GLY B 28 16.73 -1.66 26.05
N SER B 29 18.02 -1.35 26.22
CA SER B 29 19.04 -1.65 25.22
C SER B 29 19.37 -3.14 25.08
N THR B 30 19.00 -3.93 26.10
CA THR B 30 19.41 -5.34 26.15
C THR B 30 18.29 -6.29 25.71
N GLY B 31 17.11 -5.76 25.41
CA GLY B 31 16.00 -6.58 24.88
C GLY B 31 16.05 -6.81 23.37
N SER B 32 15.02 -7.46 22.83
CA SER B 32 14.96 -7.78 21.40
C SER B 32 14.94 -6.53 20.51
N ILE B 33 14.01 -5.61 20.79
CA ILE B 33 13.93 -4.35 20.02
C ILE B 33 15.22 -3.52 20.14
N GLY B 34 15.66 -3.29 21.37
CA GLY B 34 16.86 -2.50 21.63
C GLY B 34 18.12 -2.99 20.93
N THR B 35 18.36 -4.30 20.98
CA THR B 35 19.57 -4.86 20.35
C THR B 35 19.50 -4.80 18.82
N GLN B 36 18.31 -5.06 18.27
CA GLN B 36 18.06 -4.90 16.83
C GLN B 36 18.23 -3.44 16.40
N ALA B 37 17.77 -2.50 17.22
CA ALA B 37 17.99 -1.07 16.92
C ALA B 37 19.47 -0.73 16.89
N LEU B 38 20.25 -1.27 17.83
CA LEU B 38 21.69 -1.01 17.86
C LEU B 38 22.42 -1.55 16.63
N GLN B 39 21.96 -2.70 16.12
CA GLN B 39 22.44 -3.24 14.85
C GLN B 39 22.18 -2.28 13.67
N VAL B 40 20.95 -1.79 13.57
CA VAL B 40 20.61 -0.80 12.55
C VAL B 40 21.53 0.44 12.66
N ILE B 41 21.75 0.90 13.89
CA ILE B 41 22.60 2.06 14.16
C ILE B 41 24.07 1.76 13.79
N ALA B 42 24.58 0.61 14.21
CA ALA B 42 25.94 0.18 13.82
C ALA B 42 26.13 0.13 12.29
N ASP B 43 25.09 -0.28 11.57
CA ASP B 43 25.13 -0.35 10.09
C ASP B 43 25.00 1.00 9.40
N ASN B 44 24.54 2.02 10.14
CA ASN B 44 24.25 3.32 9.56
C ASN B 44 24.85 4.48 10.34
N PRO B 45 26.19 4.50 10.50
CA PRO B 45 26.82 5.52 11.35
C PRO B 45 26.70 6.94 10.78
N ASP B 46 26.44 7.07 9.49
CA ASP B 46 26.21 8.40 8.91
C ASP B 46 24.88 9.01 9.32
N ARG B 47 23.91 8.14 9.64
CA ARG B 47 22.54 8.55 9.97
C ARG B 47 22.26 8.62 11.48
N PHE B 48 22.90 7.76 12.27
CA PHE B 48 22.58 7.64 13.70
C PHE B 48 23.83 7.56 14.58
N GLU B 49 23.73 8.14 15.78
CA GLU B 49 24.70 7.88 16.83
C GLU B 49 24.01 7.64 18.18
N VAL B 50 24.47 6.61 18.89
CA VAL B 50 24.00 6.33 20.25
C VAL B 50 24.63 7.34 21.21
N VAL B 51 23.79 7.93 22.06
CA VAL B 51 24.24 8.91 23.06
C VAL B 51 23.73 8.54 24.46
N GLY B 52 23.02 7.42 24.57
CA GLY B 52 22.53 6.93 25.85
C GLY B 52 22.01 5.50 25.76
N LEU B 53 22.25 4.72 26.83
CA LEU B 53 21.71 3.37 26.93
C LEU B 53 21.12 3.16 28.33
N ALA B 54 19.94 2.55 28.40
CA ALA B 54 19.32 2.18 29.68
C ALA B 54 18.82 0.75 29.65
N ALA B 55 19.04 0.03 30.75
CA ALA B 55 18.53 -1.34 30.91
C ALA B 55 18.00 -1.55 32.32
N GLY B 56 17.31 -2.67 32.52
CA GLY B 56 16.77 -3.02 33.83
C GLY B 56 17.78 -3.51 34.84
N GLY B 57 18.76 -4.30 34.40
CA GLY B 57 19.72 -4.88 35.33
C GLY B 57 19.84 -6.41 35.25
N ALA B 58 18.77 -7.07 34.83
CA ALA B 58 18.80 -8.53 34.66
C ALA B 58 19.84 -8.94 33.63
N HIS B 59 20.08 -8.09 32.63
CA HIS B 59 21.13 -8.36 31.65
C HIS B 59 22.25 -7.33 31.70
N LEU B 60 22.76 -7.12 32.92
CA LEU B 60 23.83 -6.14 33.15
C LEU B 60 25.08 -6.43 32.33
N ASP B 61 25.45 -7.70 32.21
CA ASP B 61 26.65 -8.07 31.45
C ASP B 61 26.59 -7.59 30.00
N THR B 62 25.41 -7.72 29.39
CA THR B 62 25.16 -7.21 28.04
C THR B 62 25.34 -5.69 27.96
N LEU B 63 24.71 -4.95 28.88
CA LEU B 63 24.85 -3.48 28.91
C LEU B 63 26.31 -3.03 29.02
N LEU B 64 27.07 -3.72 29.86
CA LEU B 64 28.47 -3.37 30.08
C LEU B 64 29.29 -3.63 28.81
N ARG B 65 29.00 -4.72 28.13
CA ARG B 65 29.58 -5.00 26.80
C ARG B 65 29.19 -3.94 25.78
N GLN B 66 27.94 -3.49 25.82
CA GLN B 66 27.46 -2.40 24.96
C GLN B 66 28.21 -1.10 25.24
N ARG B 67 28.45 -0.79 26.51
CA ARG B 67 29.27 0.37 26.86
C ARG B 67 30.66 0.25 26.23
N ALA B 68 31.29 -0.91 26.40
CA ALA B 68 32.62 -1.17 25.83
C ALA B 68 32.66 -1.09 24.30
N GLN B 69 31.64 -1.66 23.64
CA GLN B 69 31.54 -1.70 22.18
C GLN B 69 31.27 -0.33 21.55
N THR B 70 30.30 0.41 22.10
CA THR B 70 29.90 1.72 21.58
C THR B 70 30.74 2.88 22.11
N GLY B 71 31.38 2.69 23.26
CA GLY B 71 32.09 3.76 23.94
C GLY B 71 31.19 4.73 24.70
N VAL B 72 29.88 4.43 24.72
CA VAL B 72 28.89 5.24 25.43
C VAL B 72 28.89 4.99 26.95
N THR B 73 29.26 6.01 27.71
CA THR B 73 29.36 5.91 29.17
C THR B 73 28.10 6.46 29.83
N ASN B 74 27.27 7.13 29.02
CA ASN B 74 26.02 7.68 29.50
C ASN B 74 24.99 6.56 29.62
N ILE B 75 25.07 5.80 30.70
CA ILE B 75 24.22 4.62 30.89
C ILE B 75 23.39 4.65 32.17
N ALA B 76 22.26 3.94 32.14
CA ALA B 76 21.34 3.87 33.28
C ALA B 76 20.96 2.43 33.58
N VAL B 77 20.94 2.09 34.87
CA VAL B 77 20.50 0.77 35.34
C VAL B 77 19.46 0.97 36.44
N ALA B 78 18.28 0.40 36.25
CA ALA B 78 17.17 0.53 37.19
C ALA B 78 17.38 -0.19 38.51
N ASP B 79 17.87 -1.44 38.44
CA ASP B 79 18.05 -2.31 39.60
C ASP B 79 19.30 -1.87 40.38
N GLU B 80 19.11 -1.51 41.65
CA GLU B 80 20.22 -1.04 42.50
C GLU B 80 21.26 -2.12 42.82
N HIS B 81 20.79 -3.33 43.13
CA HIS B 81 21.67 -4.50 43.35
C HIS B 81 22.60 -4.74 42.19
N ALA B 82 22.02 -4.73 40.99
CA ALA B 82 22.77 -4.87 39.75
C ALA B 82 23.75 -3.71 39.59
N ALA B 83 23.28 -2.49 39.84
CA ALA B 83 24.09 -1.29 39.75
C ALA B 83 25.32 -1.34 40.67
N GLN B 84 25.17 -1.98 41.83
CA GLN B 84 26.26 -2.09 42.81
C GLN B 84 27.42 -2.99 42.37
N ARG B 85 27.21 -3.72 41.27
CA ARG B 85 28.27 -4.55 40.68
C ARG B 85 29.28 -3.74 39.83
N VAL B 86 29.02 -2.45 39.64
CA VAL B 86 29.79 -1.66 38.65
C VAL B 86 30.58 -0.46 39.22
N GLY B 87 29.89 0.44 39.92
CA GLY B 87 30.59 1.56 40.55
C GLY B 87 30.80 2.83 39.72
N ASP B 88 30.63 2.76 38.40
CA ASP B 88 30.75 3.95 37.54
C ASP B 88 29.55 4.15 36.59
N ILE B 89 28.35 3.79 37.06
CA ILE B 89 27.12 4.08 36.32
C ILE B 89 26.59 5.44 36.79
N PRO B 90 26.45 6.41 35.86
CA PRO B 90 25.89 7.74 36.22
C PRO B 90 24.43 7.73 36.68
N TYR B 91 23.61 6.82 36.17
CA TYR B 91 22.19 6.76 36.54
C TYR B 91 21.80 5.36 37.00
N HIS B 92 21.41 5.25 38.27
CA HIS B 92 21.01 3.95 38.84
C HIS B 92 19.90 4.11 39.87
N GLY B 93 19.07 3.08 40.02
CA GLY B 93 17.93 3.16 40.94
C GLY B 93 16.60 3.40 40.24
N SER B 94 15.57 3.68 41.03
CA SER B 94 14.18 3.57 40.58
C SER B 94 13.89 4.29 39.25
N ASP B 95 14.21 5.59 39.18
CA ASP B 95 13.89 6.34 37.96
C ASP B 95 15.14 6.67 37.13
N ALA B 96 16.10 5.76 37.12
CA ALA B 96 17.33 5.92 36.35
C ALA B 96 17.08 6.27 34.88
N ALA B 97 16.19 5.55 34.20
CA ALA B 97 15.94 5.77 32.76
C ALA B 97 15.34 7.15 32.50
N THR B 98 14.41 7.56 33.37
CA THR B 98 13.80 8.89 33.34
C THR B 98 14.85 9.98 33.51
N ARG B 99 15.71 9.85 34.53
CA ARG B 99 16.76 10.84 34.77
C ARG B 99 17.76 10.94 33.63
N LEU B 100 18.08 9.82 33.00
CA LEU B 100 18.95 9.84 31.83
C LEU B 100 18.29 10.60 30.66
N VAL B 101 17.00 10.36 30.45
CA VAL B 101 16.27 11.04 29.38
C VAL B 101 16.22 12.56 29.63
N GLU B 102 15.91 12.93 30.87
CA GLU B 102 15.79 14.35 31.26
C GLU B 102 17.09 15.12 31.07
N GLN B 103 18.22 14.42 31.19
CA GLN B 103 19.52 15.07 31.24
C GLN B 103 20.39 14.79 30.01
N THR B 104 19.83 14.14 29.00
CA THR B 104 20.61 13.82 27.79
C THR B 104 20.08 14.56 26.56
N GLU B 105 20.95 15.36 25.92
CA GLU B 105 20.61 16.00 24.65
C GLU B 105 20.49 14.94 23.57
N ALA B 106 19.30 14.83 22.97
CA ALA B 106 19.04 13.81 21.99
C ALA B 106 18.01 14.25 20.96
N ASP B 107 18.09 13.65 19.78
CA ASP B 107 17.12 13.87 18.72
C ASP B 107 15.96 12.86 18.77
N VAL B 108 16.30 11.60 19.07
CA VAL B 108 15.34 10.49 19.14
C VAL B 108 15.54 9.69 20.42
N VAL B 109 14.43 9.38 21.09
CA VAL B 109 14.43 8.45 22.20
C VAL B 109 13.70 7.19 21.75
N LEU B 110 14.40 6.07 21.69
CA LEU B 110 13.73 4.78 21.45
C LEU B 110 13.33 4.21 22.79
N ASN B 111 12.02 4.10 23.03
CA ASN B 111 11.54 3.48 24.26
C ASN B 111 11.14 2.02 24.02
N ALA B 112 12.07 1.13 24.32
CA ALA B 112 11.86 -0.31 24.22
C ALA B 112 11.91 -0.96 25.61
N LEU B 113 11.55 -0.20 26.64
CA LEU B 113 11.37 -0.77 27.98
C LEU B 113 10.12 -1.63 28.00
N VAL B 114 10.06 -2.57 28.93
CA VAL B 114 8.90 -3.46 29.02
C VAL B 114 8.08 -3.11 30.26
N GLY B 115 6.76 -3.14 30.12
CA GLY B 115 5.85 -2.91 31.24
C GLY B 115 5.70 -1.47 31.66
N ALA B 116 5.04 -1.29 32.80
CA ALA B 116 4.64 0.04 33.31
C ALA B 116 5.79 0.97 33.67
N LEU B 117 7.01 0.44 33.67
CA LEU B 117 8.19 1.27 33.92
C LEU B 117 8.69 1.97 32.64
N GLY B 118 8.01 1.72 31.53
CA GLY B 118 8.21 2.50 30.31
C GLY B 118 7.40 3.79 30.32
N LEU B 119 6.37 3.87 31.16
CA LEU B 119 5.46 5.03 31.14
C LEU B 119 6.14 6.36 31.49
N ARG B 120 6.85 6.42 32.61
CA ARG B 120 7.53 7.66 33.02
C ARG B 120 8.59 8.14 32.01
N PRO B 121 9.48 7.25 31.52
CA PRO B 121 10.44 7.65 30.48
C PRO B 121 9.79 8.20 29.20
N THR B 122 8.67 7.60 28.77
CA THR B 122 7.86 8.15 27.68
C THR B 122 7.45 9.60 27.97
N LEU B 123 6.93 9.85 29.18
CA LEU B 123 6.51 11.20 29.57
C LEU B 123 7.69 12.16 29.61
N ALA B 124 8.81 11.73 30.17
CA ALA B 124 10.03 12.55 30.21
C ALA B 124 10.55 12.83 28.80
N ALA B 125 10.53 11.82 27.93
CA ALA B 125 11.01 11.98 26.56
C ALA B 125 10.16 12.98 25.78
N LEU B 126 8.83 12.93 25.96
CA LEU B 126 7.94 13.87 25.27
C LEU B 126 8.20 15.30 25.71
N LYS B 127 8.40 15.51 27.02
CA LYS B 127 8.75 16.84 27.57
C LYS B 127 10.06 17.45 27.02
N THR B 128 11.05 16.62 26.69
CA THR B 128 12.32 17.11 26.15
C THR B 128 12.16 17.68 24.75
N GLY B 129 11.09 17.30 24.05
CA GLY B 129 10.88 17.72 22.66
C GLY B 129 11.55 16.82 21.65
N ALA B 130 12.08 15.69 22.11
CA ALA B 130 12.65 14.69 21.21
C ALA B 130 11.55 13.90 20.52
N ARG B 131 11.86 13.36 19.34
CA ARG B 131 10.99 12.37 18.72
C ARG B 131 11.03 11.08 19.57
N LEU B 132 9.84 10.52 19.83
CA LEU B 132 9.75 9.29 20.62
C LEU B 132 9.41 8.12 19.73
N ALA B 133 10.41 7.26 19.49
CA ALA B 133 10.21 6.05 18.72
C ALA B 133 9.71 5.00 19.72
N LEU B 134 8.40 4.73 19.70
CA LEU B 134 7.75 4.02 20.80
C LEU B 134 7.51 2.54 20.55
N ALA B 135 8.13 1.70 21.37
CA ALA B 135 7.86 0.26 21.34
C ALA B 135 7.03 -0.17 22.56
N ASN B 136 7.35 0.40 23.72
CA ASN B 136 6.67 0.13 24.97
C ASN B 136 5.13 0.24 24.84
N LYS B 137 4.43 -0.89 24.93
CA LYS B 137 2.98 -0.93 24.76
C LYS B 137 2.22 -0.23 25.90
N GLU B 138 2.72 -0.35 27.12
CA GLU B 138 2.06 0.22 28.30
C GLU B 138 1.89 1.73 28.24
N SER B 139 2.87 2.42 27.65
CA SER B 139 2.78 3.88 27.45
C SER B 139 1.42 4.32 26.90
N LEU B 140 0.95 3.69 25.82
CA LEU B 140 -0.33 4.06 25.24
C LEU B 140 -1.51 3.31 25.84
N VAL B 141 -1.36 1.99 25.98
CA VAL B 141 -2.44 1.14 26.48
C VAL B 141 -2.85 1.51 27.92
N ALA B 142 -1.85 1.73 28.78
CA ALA B 142 -2.12 2.10 30.17
C ALA B 142 -2.17 3.61 30.34
N GLY B 143 -1.19 4.30 29.76
CA GLY B 143 -1.07 5.77 29.90
C GLY B 143 -2.16 6.57 29.21
N GLY B 144 -2.65 6.08 28.08
CA GLY B 144 -3.75 6.74 27.36
C GLY B 144 -3.66 8.24 27.23
N SER B 145 -4.65 8.95 27.79
CA SER B 145 -4.72 10.41 27.67
C SER B 145 -3.56 11.15 28.33
N LEU B 146 -2.97 10.57 29.38
CA LEU B 146 -1.76 11.14 29.99
C LEU B 146 -0.66 11.34 28.96
N VAL B 147 -0.49 10.33 28.10
CA VAL B 147 0.56 10.34 27.09
C VAL B 147 0.16 11.26 25.94
N LEU B 148 -1.07 11.12 25.44
CA LEU B 148 -1.55 11.94 24.32
C LEU B 148 -1.55 13.45 24.60
N ARG B 149 -1.97 13.84 25.80
CA ARG B 149 -1.92 15.26 26.21
C ARG B 149 -0.50 15.81 26.27
N ALA B 150 0.47 14.93 26.49
CA ALA B 150 1.87 15.32 26.59
C ALA B 150 2.54 15.39 25.22
N ALA B 151 1.99 14.65 24.26
CA ALA B 151 2.59 14.51 22.95
C ALA B 151 2.09 15.59 22.00
N ARG B 152 2.96 16.03 21.11
CA ARG B 152 2.59 16.92 20.03
C ARG B 152 2.50 16.13 18.74
N PRO B 153 1.79 16.68 17.72
CA PRO B 153 1.59 15.96 16.48
C PRO B 153 2.90 15.47 15.86
N GLY B 154 2.93 14.19 15.53
CA GLY B 154 4.09 13.61 14.86
C GLY B 154 5.25 13.25 15.77
N GLN B 155 5.15 13.59 17.06
CA GLN B 155 6.23 13.34 18.00
C GLN B 155 6.45 11.86 18.28
N ILE B 156 5.35 11.10 18.39
CA ILE B 156 5.42 9.67 18.63
C ILE B 156 5.44 8.97 17.28
N VAL B 157 6.46 8.14 17.07
CA VAL B 157 6.56 7.28 15.90
C VAL B 157 6.56 5.83 16.40
N PRO B 158 5.59 5.03 15.91
CA PRO B 158 5.42 3.65 16.39
C PRO B 158 6.45 2.68 15.82
N VAL B 159 6.93 1.78 16.68
CA VAL B 159 7.94 0.83 16.31
C VAL B 159 7.33 -0.50 15.82
N ASP B 160 6.16 -0.88 16.33
CA ASP B 160 5.63 -2.20 16.01
C ASP B 160 5.17 -2.30 14.55
N SER B 161 5.32 -3.51 13.99
CA SER B 161 5.11 -3.72 12.55
C SER B 161 3.74 -3.25 12.01
N GLU B 162 2.66 -3.55 12.76
CA GLU B 162 1.32 -3.10 12.33
C GLU B 162 1.18 -1.57 12.30
N HIS B 163 1.64 -0.91 13.36
CA HIS B 163 1.51 0.55 13.43
C HIS B 163 2.42 1.26 12.44
N SER B 164 3.63 0.73 12.24
CA SER B 164 4.57 1.23 11.23
C SER B 164 3.96 1.11 9.82
N ALA B 165 3.32 -0.04 9.56
CA ALA B 165 2.59 -0.27 8.30
C ALA B 165 1.49 0.77 8.07
N LEU B 166 0.68 1.00 9.09
CA LEU B 166 -0.38 2.03 9.02
C LEU B 166 0.18 3.44 8.77
N ALA B 167 1.25 3.80 9.49
CA ALA B 167 1.89 5.11 9.30
C ALA B 167 2.29 5.33 7.84
N GLN B 168 2.86 4.30 7.21
CA GLN B 168 3.28 4.34 5.81
C GLN B 168 2.09 4.40 4.85
N CYS B 169 1.09 3.55 5.09
CA CYS B 169 -0.09 3.51 4.24
C CYS B 169 -0.94 4.79 4.32
N LEU B 170 -0.88 5.46 5.46
CA LEU B 170 -1.59 6.73 5.65
C LEU B 170 -1.07 7.87 4.75
N ARG B 171 0.12 7.67 4.18
CA ARG B 171 0.67 8.59 3.17
C ARG B 171 -0.14 8.58 1.87
N GLY B 172 -0.96 7.56 1.67
CA GLY B 172 -1.79 7.43 0.46
C GLY B 172 -2.95 8.40 0.33
N GLY B 173 -3.18 9.24 1.34
CA GLY B 173 -4.24 10.24 1.27
C GLY B 173 -4.18 11.20 2.44
N THR B 174 -5.11 12.16 2.47
CA THR B 174 -5.19 13.06 3.61
C THR B 174 -5.92 12.34 4.77
N PRO B 175 -5.80 12.87 6.01
CA PRO B 175 -6.61 12.34 7.12
C PRO B 175 -8.12 12.24 6.84
N ASP B 176 -8.67 13.24 6.14
CA ASP B 176 -10.09 13.29 5.81
C ASP B 176 -10.52 12.19 4.82
N GLU B 177 -9.55 11.53 4.20
CA GLU B 177 -9.83 10.52 3.16
C GLU B 177 -9.82 9.09 3.70
N VAL B 178 -9.51 8.94 4.99
CA VAL B 178 -9.47 7.62 5.62
C VAL B 178 -10.87 7.11 5.92
N ALA B 179 -11.18 5.92 5.41
CA ALA B 179 -12.39 5.22 5.78
C ALA B 179 -12.13 4.23 6.92
N LYS B 180 -11.11 3.37 6.77
CA LYS B 180 -10.84 2.28 7.70
C LYS B 180 -9.36 2.03 7.89
N LEU B 181 -8.97 1.67 9.11
CA LEU B 181 -7.65 1.10 9.37
C LEU B 181 -7.83 -0.40 9.55
N VAL B 182 -7.05 -1.19 8.83
CA VAL B 182 -7.22 -2.64 8.88
C VAL B 182 -5.93 -3.28 9.35
N LEU B 183 -5.95 -3.82 10.56
CA LEU B 183 -4.78 -4.50 11.11
C LEU B 183 -4.78 -5.96 10.69
N THR B 184 -3.63 -6.47 10.29
CA THR B 184 -3.50 -7.91 10.08
C THR B 184 -3.13 -8.59 11.40
N ALA B 185 -3.60 -9.82 11.57
CA ALA B 185 -3.27 -10.69 12.69
C ALA B 185 -2.84 -12.04 12.16
N SER B 186 -1.77 -12.62 12.71
CA SER B 186 -1.33 -13.96 12.29
C SER B 186 -2.40 -15.02 12.54
N GLY B 187 -3.28 -14.76 13.51
CA GLY B 187 -4.27 -15.73 13.96
C GLY B 187 -3.76 -16.62 15.08
N GLY B 188 -2.44 -16.61 15.31
CA GLY B 188 -1.82 -17.44 16.34
C GLY B 188 -1.81 -18.94 16.07
N PRO B 189 -1.31 -19.74 17.02
CA PRO B 189 -1.28 -21.20 16.86
C PRO B 189 -2.67 -21.86 16.73
N PHE B 190 -3.72 -21.21 17.23
CA PHE B 190 -5.07 -21.78 17.21
C PHE B 190 -6.00 -21.13 16.17
N ARG B 191 -5.41 -20.58 15.12
CA ARG B 191 -6.17 -20.03 14.02
C ARG B 191 -7.16 -21.09 13.52
N GLY B 192 -8.43 -20.71 13.44
CA GLY B 192 -9.46 -21.58 12.89
C GLY B 192 -9.96 -22.68 13.83
N TRP B 193 -9.42 -22.72 15.03
CA TRP B 193 -9.88 -23.67 16.05
C TRP B 193 -11.27 -23.29 16.55
N SER B 194 -12.04 -24.30 16.93
CA SER B 194 -13.37 -24.09 17.51
C SER B 194 -13.28 -23.80 19.01
N ALA B 195 -14.41 -23.41 19.60
CA ALA B 195 -14.49 -23.21 21.05
C ALA B 195 -14.18 -24.51 21.79
N ALA B 196 -14.67 -25.63 21.28
CA ALA B 196 -14.37 -26.95 21.83
C ALA B 196 -12.86 -27.26 21.81
N ASP B 197 -12.22 -26.98 20.67
CA ASP B 197 -10.77 -27.14 20.53
C ASP B 197 -10.02 -26.38 21.63
N LEU B 198 -10.44 -25.15 21.86
CA LEU B 198 -9.73 -24.22 22.75
C LEU B 198 -9.74 -24.67 24.21
N GLU B 199 -10.79 -25.38 24.60
CA GLU B 199 -10.89 -25.95 25.95
C GLU B 199 -9.67 -26.79 26.32
N HIS B 200 -9.07 -27.46 25.35
CA HIS B 200 -7.94 -28.37 25.59
C HIS B 200 -6.55 -27.72 25.59
N VAL B 201 -6.47 -26.41 25.34
CA VAL B 201 -5.16 -25.75 25.19
C VAL B 201 -4.30 -25.79 26.47
N THR B 202 -3.05 -26.18 26.29
CA THR B 202 -2.05 -26.19 27.37
C THR B 202 -1.09 -25.01 27.21
N PRO B 203 -0.44 -24.57 28.31
CA PRO B 203 0.60 -23.55 28.20
C PRO B 203 1.65 -23.86 27.13
N GLU B 204 2.15 -25.09 27.07
CA GLU B 204 3.11 -25.50 26.04
C GLU B 204 2.57 -25.21 24.64
N GLN B 205 1.34 -25.67 24.36
CA GLN B 205 0.70 -25.45 23.06
C GLN B 205 0.58 -23.97 22.67
N ALA B 206 0.31 -23.12 23.66
CA ALA B 206 0.20 -21.68 23.45
C ALA B 206 1.58 -21.01 23.30
N GLY B 207 2.62 -21.85 23.27
CA GLY B 207 4.01 -21.43 23.18
C GLY B 207 4.46 -20.65 24.40
N ALA B 208 3.76 -20.86 25.50
CA ALA B 208 3.78 -19.93 26.63
C ALA B 208 4.79 -20.26 27.74
N HIS B 209 6.08 -20.17 27.38
CA HIS B 209 7.18 -20.36 28.31
C HIS B 209 8.31 -19.42 27.91
N PRO B 210 9.25 -19.13 28.84
CA PRO B 210 10.37 -18.26 28.46
C PRO B 210 11.25 -18.84 27.34
N THR B 211 11.50 -18.01 26.33
CA THR B 211 12.45 -18.31 25.27
C THR B 211 13.62 -17.33 25.46
N TRP B 212 14.73 -17.56 24.75
CA TRP B 212 15.99 -16.84 25.01
C TRP B 212 15.87 -15.31 24.98
N SER B 213 14.93 -14.79 24.19
CA SER B 213 14.77 -13.35 24.01
C SER B 213 13.45 -12.78 24.55
N MET B 214 12.37 -13.54 24.32
CA MET B 214 11.01 -13.12 24.68
C MET B 214 10.41 -13.94 25.82
N GLY B 215 9.59 -13.28 26.64
CA GLY B 215 8.89 -13.95 27.73
C GLY B 215 7.65 -14.68 27.24
N PRO B 216 6.99 -15.44 28.13
CA PRO B 216 5.80 -16.25 27.78
C PRO B 216 4.57 -15.42 27.38
N MET B 217 4.50 -14.16 27.81
CA MET B 217 3.33 -13.30 27.53
C MET B 217 3.16 -12.99 26.05
N ASN B 218 4.26 -12.86 25.32
CA ASN B 218 4.23 -12.49 23.89
C ASN B 218 3.50 -13.49 23.00
N THR B 219 3.91 -14.76 23.04
CA THR B 219 3.24 -15.81 22.27
C THR B 219 1.83 -16.09 22.80
N LEU B 220 1.66 -16.02 24.12
CA LEU B 220 0.33 -16.21 24.72
C LEU B 220 -0.64 -15.12 24.28
N ASN B 221 -0.20 -13.85 24.31
CA ASN B 221 -1.04 -12.72 23.85
C ASN B 221 -1.38 -12.81 22.36
N SER B 222 -0.43 -13.29 21.56
CA SER B 222 -0.67 -13.60 20.16
C SER B 222 -1.76 -14.67 20.01
N ALA B 223 -1.59 -15.76 20.77
CA ALA B 223 -2.51 -16.90 20.74
C ALA B 223 -3.93 -16.56 21.16
N SER B 224 -4.06 -15.71 22.19
CA SER B 224 -5.37 -15.37 22.74
C SER B 224 -6.07 -14.22 21.99
N LEU B 225 -5.37 -13.62 21.04
CA LEU B 225 -5.80 -12.40 20.32
C LEU B 225 -5.82 -11.13 21.21
N VAL B 226 -5.35 -11.25 22.44
CA VAL B 226 -5.23 -10.07 23.32
C VAL B 226 -4.18 -9.10 22.77
N ASN B 227 -3.09 -9.61 22.22
CA ASN B 227 -2.11 -8.73 21.58
C ASN B 227 -2.75 -7.82 20.52
N LYS B 228 -3.59 -8.41 19.68
CA LYS B 228 -4.30 -7.67 18.64
C LYS B 228 -5.25 -6.64 19.23
N GLY B 229 -5.93 -7.03 20.31
CA GLY B 229 -6.74 -6.09 21.10
C GLY B 229 -5.92 -4.89 21.57
N LEU B 230 -4.74 -5.17 22.13
CA LEU B 230 -3.81 -4.12 22.55
C LEU B 230 -3.39 -3.23 21.36
N GLU B 231 -3.09 -3.84 20.22
CA GLU B 231 -2.71 -3.08 19.02
C GLU B 231 -3.86 -2.21 18.47
N VAL B 232 -5.09 -2.68 18.62
CA VAL B 232 -6.27 -1.92 18.20
C VAL B 232 -6.40 -0.65 19.06
N ILE B 233 -6.19 -0.79 20.37
CA ILE B 233 -6.24 0.35 21.31
C ILE B 233 -5.17 1.38 20.93
N GLU B 234 -3.94 0.92 20.70
CA GLU B 234 -2.81 1.80 20.34
C GLU B 234 -3.06 2.51 19.01
N THR B 235 -3.63 1.77 18.05
CA THR B 235 -4.05 2.32 16.75
C THR B 235 -5.02 3.51 16.90
N HIS B 236 -6.05 3.33 17.71
CA HIS B 236 -7.00 4.41 17.99
C HIS B 236 -6.29 5.64 18.57
N LEU B 237 -5.38 5.41 19.51
CA LEU B 237 -4.70 6.52 20.19
C LEU B 237 -3.64 7.20 19.32
N LEU B 238 -2.92 6.40 18.54
CA LEU B 238 -1.91 6.93 17.63
C LEU B 238 -2.48 7.73 16.46
N PHE B 239 -3.55 7.22 15.88
CA PHE B 239 -4.01 7.74 14.59
C PHE B 239 -5.37 8.46 14.66
N GLY B 240 -6.04 8.39 15.81
CA GLY B 240 -7.29 9.13 16.03
C GLY B 240 -8.47 8.67 15.21
N ILE B 241 -8.54 7.38 14.92
CA ILE B 241 -9.65 6.79 14.18
C ILE B 241 -10.56 6.08 15.19
N PRO B 242 -11.89 6.26 15.07
CA PRO B 242 -12.84 5.60 15.98
C PRO B 242 -12.73 4.08 15.92
N TYR B 243 -13.04 3.43 17.05
CA TYR B 243 -12.94 1.98 17.15
C TYR B 243 -13.79 1.25 16.12
N ASP B 244 -14.95 1.80 15.77
CA ASP B 244 -15.83 1.16 14.79
C ASP B 244 -15.31 1.21 13.35
N ARG B 245 -14.18 1.89 13.15
CA ARG B 245 -13.51 1.99 11.84
C ARG B 245 -12.09 1.39 11.89
N ILE B 246 -11.84 0.60 12.93
CA ILE B 246 -10.59 -0.16 13.04
C ILE B 246 -10.95 -1.63 12.92
N ASP B 247 -10.54 -2.24 11.81
CA ASP B 247 -10.85 -3.64 11.55
C ASP B 247 -9.63 -4.53 11.78
N VAL B 248 -9.89 -5.81 11.98
CA VAL B 248 -8.84 -6.81 12.08
C VAL B 248 -9.15 -7.93 11.08
N VAL B 249 -8.13 -8.34 10.33
CA VAL B 249 -8.25 -9.49 9.42
C VAL B 249 -7.13 -10.45 9.74
N VAL B 250 -7.42 -11.76 9.66
CA VAL B 250 -6.40 -12.77 9.86
C VAL B 250 -5.62 -13.02 8.58
N HIS B 251 -4.31 -12.89 8.66
CA HIS B 251 -3.40 -13.07 7.53
C HIS B 251 -2.22 -13.92 8.02
N PRO B 252 -2.26 -15.25 7.76
CA PRO B 252 -1.30 -16.18 8.39
C PRO B 252 0.16 -16.01 7.96
N GLN B 253 0.41 -15.46 6.77
CA GLN B 253 1.79 -15.25 6.28
C GLN B 253 2.51 -14.07 6.92
N SER B 254 1.75 -13.10 7.44
CA SER B 254 2.34 -11.89 8.05
C SER B 254 3.26 -11.16 7.06
N ILE B 255 2.85 -11.09 5.80
CA ILE B 255 3.62 -10.34 4.80
C ILE B 255 3.04 -8.95 4.66
N ILE B 256 1.71 -8.88 4.54
CA ILE B 256 0.99 -7.61 4.67
C ILE B 256 0.91 -7.29 6.17
N HIS B 257 1.48 -6.15 6.57
CA HIS B 257 1.59 -5.81 7.99
C HIS B 257 0.44 -4.97 8.53
N SER B 258 -0.29 -4.33 7.62
CA SER B 258 -1.56 -3.63 7.87
C SER B 258 -1.89 -2.79 6.63
N MET B 259 -3.10 -2.26 6.59
CA MET B 259 -3.62 -1.57 5.40
C MET B 259 -4.53 -0.42 5.81
N VAL B 260 -4.71 0.52 4.89
CA VAL B 260 -5.60 1.66 5.07
C VAL B 260 -6.56 1.68 3.89
N THR B 261 -7.86 1.74 4.20
CA THR B 261 -8.88 1.88 3.17
C THR B 261 -9.37 3.33 3.15
N PHE B 262 -9.31 3.91 1.95
CA PHE B 262 -9.73 5.28 1.75
C PHE B 262 -11.19 5.37 1.29
N ILE B 263 -11.72 6.59 1.30
CA ILE B 263 -13.17 6.84 1.07
C ILE B 263 -13.64 6.50 -0.35
N ASP B 264 -12.70 6.44 -1.31
CA ASP B 264 -13.01 6.12 -2.71
C ASP B 264 -13.09 4.62 -3.00
N GLY B 265 -12.72 3.80 -2.03
CA GLY B 265 -12.65 2.34 -2.19
C GLY B 265 -11.24 1.81 -2.38
N SER B 266 -10.24 2.69 -2.45
CA SER B 266 -8.86 2.26 -2.62
C SER B 266 -8.25 1.80 -1.28
N THR B 267 -7.57 0.66 -1.29
CA THR B 267 -6.80 0.22 -0.13
C THR B 267 -5.30 0.26 -0.42
N ILE B 268 -4.55 0.84 0.51
CA ILE B 268 -3.10 0.88 0.44
C ILE B 268 -2.57 -0.04 1.55
N ALA B 269 -1.67 -0.95 1.15
CA ALA B 269 -1.11 -1.96 2.06
C ALA B 269 0.41 -1.90 2.07
N GLN B 270 1.00 -2.24 3.21
CA GLN B 270 2.45 -2.31 3.35
C GLN B 270 2.87 -3.78 3.48
N ALA B 271 3.82 -4.19 2.67
CA ALA B 271 4.23 -5.60 2.61
C ALA B 271 5.75 -5.79 2.69
N SER B 272 6.17 -6.78 3.48
CA SER B 272 7.58 -7.17 3.58
C SER B 272 7.72 -8.50 4.31
N PRO B 273 8.74 -9.31 3.95
CA PRO B 273 9.00 -10.49 4.75
C PRO B 273 9.17 -10.04 6.21
N PRO B 274 8.58 -10.79 7.17
CA PRO B 274 8.74 -10.44 8.59
C PRO B 274 10.21 -10.18 8.96
N ASP B 275 10.47 -9.01 9.53
CA ASP B 275 11.80 -8.56 9.96
C ASP B 275 11.57 -7.23 10.64
N MET B 276 11.68 -7.21 11.97
CA MET B 276 11.45 -6.00 12.76
C MET B 276 12.45 -4.88 12.51
N LYS B 277 13.59 -5.18 11.88
CA LYS B 277 14.55 -4.11 11.55
C LYS B 277 13.98 -3.07 10.58
N LEU B 278 13.03 -3.48 9.74
CA LEU B 278 12.37 -2.51 8.87
C LEU B 278 11.59 -1.46 9.67
N PRO B 279 10.54 -1.87 10.44
CA PRO B 279 9.84 -0.84 11.22
C PRO B 279 10.72 -0.11 12.24
N ILE B 280 11.73 -0.80 12.80
CA ILE B 280 12.67 -0.12 13.71
C ILE B 280 13.47 0.96 12.97
N SER B 281 14.03 0.61 11.81
CA SER B 281 14.85 1.56 11.04
C SER B 281 14.03 2.80 10.66
N LEU B 282 12.79 2.58 10.25
CA LEU B 282 11.90 3.66 9.85
C LEU B 282 11.47 4.52 11.04
N ALA B 283 11.24 3.91 12.20
CA ALA B 283 10.93 4.69 13.41
C ALA B 283 12.09 5.60 13.82
N LEU B 284 13.31 5.08 13.74
CA LEU B 284 14.52 5.82 14.11
C LEU B 284 14.81 6.98 13.17
N GLY B 285 14.64 6.74 11.87
CA GLY B 285 14.98 7.74 10.86
C GLY B 285 13.83 8.58 10.32
N TRP B 286 12.62 8.36 10.86
CA TRP B 286 11.40 8.99 10.34
C TRP B 286 11.59 10.49 10.07
N PRO B 287 11.14 10.98 8.90
CA PRO B 287 10.36 10.35 7.82
C PRO B 287 11.20 9.62 6.75
N ARG B 288 12.53 9.60 6.93
CA ARG B 288 13.44 9.08 5.91
C ARG B 288 13.69 7.58 6.04
N ARG B 289 13.55 6.88 4.93
CA ARG B 289 13.80 5.45 4.89
C ARG B 289 15.30 5.16 4.95
N VAL B 290 15.64 4.01 5.54
CA VAL B 290 17.05 3.60 5.74
C VAL B 290 17.42 2.54 4.71
N SER B 291 18.30 2.91 3.79
CA SER B 291 18.65 2.04 2.68
C SER B 291 19.17 0.69 3.19
N GLY B 292 18.64 -0.39 2.61
CA GLY B 292 19.07 -1.75 2.93
C GLY B 292 18.74 -2.28 4.31
N ALA B 293 17.71 -1.71 4.95
CA ALA B 293 17.30 -2.12 6.30
C ALA B 293 16.84 -3.57 6.36
N ALA B 294 16.03 -3.96 5.38
CA ALA B 294 15.45 -5.30 5.34
C ALA B 294 15.36 -5.81 3.90
N ALA B 295 15.21 -7.12 3.74
CA ALA B 295 14.94 -7.71 2.43
C ALA B 295 13.53 -7.34 1.96
N ALA B 296 13.38 -7.08 0.67
CA ALA B 296 12.07 -6.81 0.07
C ALA B 296 11.38 -8.10 -0.34
N CYS B 297 10.05 -8.04 -0.50
CA CYS B 297 9.29 -9.11 -1.15
C CYS B 297 9.93 -9.50 -2.48
N ASP B 298 10.03 -10.81 -2.71
CA ASP B 298 10.60 -11.35 -3.94
C ASP B 298 9.51 -12.14 -4.67
N PHE B 299 9.29 -11.82 -5.93
CA PHE B 299 8.25 -12.49 -6.68
C PHE B 299 8.77 -13.50 -7.72
N HIS B 300 10.00 -13.96 -7.54
CA HIS B 300 10.59 -14.93 -8.47
C HIS B 300 10.06 -16.35 -8.29
N THR B 301 9.49 -16.63 -7.12
CA THR B 301 8.82 -17.91 -6.91
C THR B 301 7.38 -17.68 -6.46
N ALA B 302 6.47 -18.54 -6.94
CA ALA B 302 5.05 -18.40 -6.67
C ALA B 302 4.73 -18.43 -5.18
N SER B 303 3.81 -17.54 -4.77
CA SER B 303 3.37 -17.45 -3.38
C SER B 303 1.91 -16.98 -3.32
N SER B 304 1.33 -17.05 -2.13
CA SER B 304 0.03 -16.45 -1.92
C SER B 304 -0.06 -15.72 -0.57
N TRP B 305 -0.86 -14.66 -0.56
CA TRP B 305 -1.17 -13.92 0.65
C TRP B 305 -2.64 -14.17 0.97
N GLU B 306 -2.89 -14.83 2.11
CA GLU B 306 -4.24 -15.29 2.46
C GLU B 306 -4.89 -14.39 3.51
N PHE B 307 -6.20 -14.19 3.37
CA PHE B 307 -6.97 -13.42 4.33
C PHE B 307 -8.21 -14.20 4.74
N GLU B 308 -8.54 -14.13 6.03
CA GLU B 308 -9.75 -14.78 6.51
C GLU B 308 -10.32 -14.01 7.72
N PRO B 309 -11.65 -14.05 7.91
CA PRO B 309 -12.18 -13.33 9.05
C PRO B 309 -11.84 -14.00 10.39
N LEU B 310 -11.82 -13.22 11.45
CA LEU B 310 -11.66 -13.75 12.79
C LEU B 310 -13.06 -14.07 13.34
N ASP B 311 -13.26 -15.28 13.86
CA ASP B 311 -14.54 -15.58 14.52
C ASP B 311 -14.52 -14.91 15.88
N THR B 312 -15.29 -13.83 16.00
CA THR B 312 -15.31 -13.04 17.23
C THR B 312 -16.03 -13.74 18.39
N ASP B 313 -16.87 -14.74 18.09
CA ASP B 313 -17.52 -15.54 19.14
C ASP B 313 -16.54 -16.47 19.85
N VAL B 314 -15.56 -16.97 19.08
CA VAL B 314 -14.51 -17.85 19.59
C VAL B 314 -13.32 -17.03 20.13
N PHE B 315 -13.02 -15.91 19.48
CA PHE B 315 -11.92 -15.01 19.89
C PHE B 315 -12.44 -13.59 20.15
N PRO B 316 -13.05 -13.36 21.34
CA PRO B 316 -13.66 -12.06 21.66
C PRO B 316 -12.71 -10.98 22.23
N ALA B 317 -11.42 -11.31 22.33
CA ALA B 317 -10.41 -10.39 22.89
C ALA B 317 -10.37 -9.01 22.22
N VAL B 318 -10.57 -8.97 20.90
CA VAL B 318 -10.50 -7.69 20.16
C VAL B 318 -11.76 -6.86 20.42
N GLU B 319 -12.91 -7.52 20.43
CA GLU B 319 -14.16 -6.86 20.80
C GLU B 319 -14.10 -6.27 22.22
N LEU B 320 -13.52 -7.04 23.16
CA LEU B 320 -13.39 -6.56 24.53
C LEU B 320 -12.45 -5.34 24.63
N ALA B 321 -11.40 -5.35 23.81
CA ALA B 321 -10.48 -4.22 23.70
C ALA B 321 -11.19 -2.97 23.18
N ARG B 322 -12.04 -3.13 22.17
CA ARG B 322 -12.87 -2.02 21.69
C ARG B 322 -13.78 -1.49 22.77
N GLN B 323 -14.39 -2.40 23.53
CA GLN B 323 -15.27 -2.02 24.64
C GLN B 323 -14.52 -1.18 25.68
N ALA B 324 -13.33 -1.65 26.06
CA ALA B 324 -12.47 -0.93 27.00
C ALA B 324 -12.06 0.42 26.44
N GLY B 325 -11.66 0.43 25.15
CA GLY B 325 -11.19 1.63 24.47
C GLY B 325 -12.25 2.71 24.36
N VAL B 326 -13.46 2.31 24.00
CA VAL B 326 -14.58 3.22 23.88
C VAL B 326 -14.96 3.84 25.25
N ALA B 327 -14.86 3.04 26.32
CA ALA B 327 -15.12 3.51 27.69
C ALA B 327 -14.11 4.57 28.11
N GLY B 328 -12.86 4.40 27.68
CA GLY B 328 -11.82 5.41 27.81
C GLY B 328 -11.24 5.51 29.21
N GLY B 329 -10.55 6.63 29.47
CA GLY B 329 -9.95 6.88 30.77
C GLY B 329 -8.90 5.84 31.10
N CYS B 330 -9.11 5.14 32.22
CA CYS B 330 -8.17 4.12 32.68
C CYS B 330 -8.66 2.71 32.34
N MET B 331 -9.71 2.60 31.54
CA MET B 331 -10.31 1.29 31.23
C MET B 331 -9.38 0.38 30.42
N THR B 332 -8.55 0.95 29.57
CA THR B 332 -7.58 0.16 28.80
C THR B 332 -6.42 -0.33 29.69
N ALA B 333 -6.04 0.46 30.69
CA ALA B 333 -5.13 -0.01 31.75
C ALA B 333 -5.70 -1.25 32.48
N VAL B 334 -7.01 -1.21 32.74
CA VAL B 334 -7.73 -2.31 33.38
C VAL B 334 -7.76 -3.57 32.51
N TYR B 335 -8.10 -3.39 31.24
CA TYR B 335 -8.05 -4.48 30.24
C TYR B 335 -6.70 -5.22 30.30
N ASN B 336 -5.62 -4.45 30.16
CA ASN B 336 -4.28 -5.02 30.10
C ASN B 336 -3.81 -5.67 31.41
N ALA B 337 -4.14 -5.05 32.54
CA ALA B 337 -3.73 -5.60 33.85
C ALA B 337 -4.52 -6.85 34.19
N ALA B 338 -5.80 -6.88 33.82
CA ALA B 338 -6.62 -8.09 33.97
C ALA B 338 -6.05 -9.25 33.17
N ASN B 339 -5.68 -8.99 31.92
CA ASN B 339 -5.00 -9.99 31.07
C ASN B 339 -3.72 -10.56 31.70
N GLU B 340 -2.84 -9.67 32.16
CA GLU B 340 -1.58 -10.09 32.79
C GLU B 340 -1.86 -11.08 33.92
N GLU B 341 -2.85 -10.77 34.76
CA GLU B 341 -3.22 -11.64 35.87
C GLU B 341 -3.87 -12.93 35.39
N ALA B 342 -4.86 -12.82 34.50
CA ALA B 342 -5.54 -13.98 33.92
C ALA B 342 -4.56 -14.92 33.22
N ALA B 343 -3.65 -14.33 32.45
CA ALA B 343 -2.62 -15.06 31.71
C ALA B 343 -1.71 -15.84 32.66
N ALA B 344 -1.29 -15.19 33.75
CA ALA B 344 -0.52 -15.83 34.81
C ALA B 344 -1.26 -17.00 35.45
N ALA B 345 -2.57 -16.85 35.66
CA ALA B 345 -3.40 -17.94 36.17
C ALA B 345 -3.43 -19.13 35.22
N PHE B 346 -3.54 -18.86 33.91
CA PHE B 346 -3.52 -19.92 32.91
C PHE B 346 -2.18 -20.66 32.90
N LEU B 347 -1.07 -19.90 32.92
CA LEU B 347 0.29 -20.45 32.95
C LEU B 347 0.54 -21.36 34.16
N ALA B 348 -0.15 -21.10 35.26
CA ALA B 348 0.01 -21.86 36.52
C ALA B 348 -1.03 -22.98 36.69
N GLY B 349 -1.79 -23.26 35.62
CA GLY B 349 -2.81 -24.30 35.65
C GLY B 349 -4.07 -23.96 36.44
N ARG B 350 -4.17 -22.71 36.91
CA ARG B 350 -5.30 -22.30 37.74
C ARG B 350 -6.61 -22.15 36.96
N ILE B 351 -6.49 -21.82 35.67
CA ILE B 351 -7.66 -21.71 34.77
C ILE B 351 -7.34 -22.30 33.40
N GLY B 352 -8.38 -22.60 32.64
CA GLY B 352 -8.22 -23.01 31.25
C GLY B 352 -7.96 -21.83 30.33
N PHE B 353 -7.52 -22.11 29.11
CA PHE B 353 -7.27 -21.09 28.08
C PHE B 353 -8.45 -20.14 27.81
N PRO B 354 -9.66 -20.67 27.58
CA PRO B 354 -10.81 -19.82 27.26
C PRO B 354 -11.25 -18.90 28.41
N ALA B 355 -10.83 -19.24 29.63
CA ALA B 355 -11.13 -18.42 30.81
C ALA B 355 -10.32 -17.11 30.90
N ILE B 356 -9.21 -17.01 30.16
CA ILE B 356 -8.40 -15.79 30.17
C ILE B 356 -9.27 -14.59 29.78
N VAL B 357 -9.91 -14.69 28.61
CA VAL B 357 -10.70 -13.59 28.11
C VAL B 357 -12.00 -13.48 28.92
N GLY B 358 -12.46 -14.62 29.44
CA GLY B 358 -13.60 -14.65 30.36
C GLY B 358 -13.37 -13.79 31.60
N ILE B 359 -12.17 -13.88 32.16
CA ILE B 359 -11.81 -13.10 33.35
C ILE B 359 -11.66 -11.62 33.03
N ILE B 360 -11.04 -11.30 31.88
CA ILE B 360 -10.94 -9.90 31.44
C ILE B 360 -12.34 -9.28 31.36
N ALA B 361 -13.27 -10.01 30.73
CA ALA B 361 -14.65 -9.55 30.61
C ALA B 361 -15.28 -9.29 31.99
N ASP B 362 -15.08 -10.22 32.92
CA ASP B 362 -15.64 -10.09 34.28
C ASP B 362 -15.10 -8.89 35.04
N VAL B 363 -13.79 -8.65 34.90
CA VAL B 363 -13.15 -7.50 35.55
C VAL B 363 -13.65 -6.19 34.94
N LEU B 364 -13.63 -6.10 33.61
CA LEU B 364 -14.06 -4.88 32.91
C LEU B 364 -15.48 -4.47 33.25
N HIS B 365 -16.37 -5.44 33.39
CA HIS B 365 -17.79 -5.14 33.62
C HIS B 365 -18.05 -4.59 35.01
N ALA B 366 -17.10 -4.82 35.92
CA ALA B 366 -17.12 -4.30 37.28
C ALA B 366 -16.28 -3.03 37.46
N ALA B 367 -15.72 -2.52 36.36
CA ALA B 367 -14.66 -1.51 36.43
C ALA B 367 -15.05 -0.08 36.04
N ASP B 368 -16.35 0.19 35.90
CA ASP B 368 -16.81 1.52 35.40
C ASP B 368 -16.30 2.74 36.18
N GLN B 369 -15.90 2.54 37.44
CA GLN B 369 -15.30 3.63 38.22
C GLN B 369 -13.98 4.13 37.60
N TRP B 370 -13.38 3.29 36.76
CA TRP B 370 -12.08 3.60 36.12
C TRP B 370 -12.21 4.28 34.76
N ALA B 371 -13.44 4.61 34.37
CA ALA B 371 -13.70 5.35 33.13
C ALA B 371 -13.24 6.83 33.18
N VAL B 372 -12.87 7.29 34.37
CA VAL B 372 -12.32 8.65 34.55
C VAL B 372 -10.93 8.77 33.91
N GLU B 373 -10.63 9.95 33.35
CA GLU B 373 -9.31 10.23 32.79
C GLU B 373 -8.26 10.30 33.89
N PRO B 374 -7.09 9.67 33.68
CA PRO B 374 -6.04 9.75 34.71
C PRO B 374 -5.39 11.13 34.74
N ALA B 375 -5.11 11.63 35.95
CA ALA B 375 -4.43 12.91 36.13
C ALA B 375 -2.93 12.73 36.26
N THR B 376 -2.52 11.58 36.79
CA THR B 376 -1.13 11.29 37.12
C THR B 376 -0.79 9.83 36.82
N VAL B 377 0.50 9.52 36.84
CA VAL B 377 0.99 8.13 36.76
C VAL B 377 0.36 7.25 37.86
N ASP B 378 0.23 7.80 39.07
CA ASP B 378 -0.34 7.05 40.19
C ASP B 378 -1.79 6.61 39.97
N ASP B 379 -2.57 7.41 39.24
CA ASP B 379 -3.94 7.06 38.85
C ASP B 379 -3.96 5.80 37.97
N VAL B 380 -3.06 5.75 36.98
CA VAL B 380 -2.84 4.57 36.13
C VAL B 380 -2.46 3.34 36.99
N LEU B 381 -1.49 3.53 37.88
CA LEU B 381 -1.03 2.46 38.76
C LEU B 381 -2.13 1.94 39.69
N ASP B 382 -2.95 2.85 40.21
CA ASP B 382 -4.10 2.45 41.04
C ASP B 382 -5.12 1.61 40.24
N ALA B 383 -5.40 2.03 39.01
CA ALA B 383 -6.31 1.27 38.14
C ALA B 383 -5.78 -0.15 37.94
N GLN B 384 -4.48 -0.27 37.71
CA GLN B 384 -3.83 -1.56 37.47
C GLN B 384 -3.90 -2.46 38.70
N ARG B 385 -3.63 -1.87 39.87
CA ARG B 385 -3.69 -2.56 41.16
C ARG B 385 -5.08 -3.15 41.37
N TRP B 386 -6.11 -2.32 41.16
CA TRP B 386 -7.50 -2.72 41.30
C TRP B 386 -7.87 -3.85 40.35
N ALA B 387 -7.41 -3.76 39.10
CA ALA B 387 -7.72 -4.76 38.07
C ALA B 387 -7.10 -6.13 38.38
N ARG B 388 -5.83 -6.11 38.78
CA ARG B 388 -5.11 -7.31 39.24
C ARG B 388 -5.82 -8.01 40.41
N GLU B 389 -6.16 -7.24 41.44
CA GLU B 389 -6.87 -7.79 42.60
C GLU B 389 -8.22 -8.40 42.19
N ARG B 390 -8.95 -7.68 41.35
CA ARG B 390 -10.26 -8.14 40.88
C ARG B 390 -10.15 -9.46 40.10
N ALA B 391 -9.14 -9.52 39.21
CA ALA B 391 -8.82 -10.72 38.45
C ALA B 391 -8.46 -11.91 39.36
N GLN B 392 -7.70 -11.63 40.42
CA GLN B 392 -7.32 -12.65 41.41
C GLN B 392 -8.56 -13.24 42.09
N ARG B 393 -9.52 -12.37 42.43
CA ARG B 393 -10.79 -12.78 43.06
C ARG B 393 -11.59 -13.68 42.10
N ALA B 394 -11.67 -13.24 40.84
CA ALA B 394 -12.35 -14.00 39.79
C ALA B 394 -11.76 -15.39 39.60
N VAL B 395 -10.44 -15.50 39.65
CA VAL B 395 -9.75 -16.78 39.49
C VAL B 395 -10.04 -17.71 40.68
N SER B 396 -9.87 -17.21 41.89
CA SER B 396 -9.99 -18.02 43.11
C SER B 396 -11.45 -18.26 43.53
N GLY B 397 -12.36 -17.46 42.99
CA GLY B 397 -13.77 -17.53 43.36
C GLY B 397 -14.05 -16.85 44.69
N MET B 398 -13.19 -15.92 45.07
CA MET B 398 -13.36 -15.16 46.31
C MET B 398 -13.80 -13.73 46.04
C1 34F C . -6.57 -2.76 -16.89
N1 34F C . -6.27 -3.27 -18.02
O1 34F C . -6.08 -1.68 -16.52
CL1 34F C . -8.25 -5.17 -13.10
C2 34F C . -6.91 -4.51 -18.47
O2 34F C . -5.34 -2.64 -18.85
CL2 34F C . -9.91 -7.79 -13.71
C3 34F C . -5.86 -5.61 -18.72
C4 34F C . -5.25 -6.16 -17.42
C6 34F C . -6.40 -6.63 -16.51
C7 34F C . -6.75 -5.83 -15.39
C8 34F C . -7.81 -6.18 -14.54
C9 34F C . -8.55 -7.35 -14.80
C10 34F C . -8.23 -8.15 -15.92
C11 34F C . -7.17 -7.78 -16.77
PA1 34F C . -4.04 -7.21 -17.72
OP1 34F C . -3.19 -6.55 -18.77
OP2 34F C . -3.33 -7.32 -16.39
OP3 34F C . -4.53 -8.53 -18.21
PA NDP D . -13.63 0.96 -26.22
O1A NDP D . -13.55 -0.07 -27.45
O2A NDP D . -14.55 0.40 -25.20
O5B NDP D . -14.24 2.38 -26.72
C5B NDP D . -13.28 3.15 -27.51
C4B NDP D . -13.82 4.60 -27.78
O4B NDP D . -13.06 5.28 -28.75
C3B NDP D . -15.29 4.50 -28.31
O3B NDP D . -16.18 5.41 -27.63
C2B NDP D . -15.16 4.82 -29.82
O2B NDP D . -16.32 5.52 -30.32
C1B NDP D . -13.93 5.73 -29.81
N9A NDP D . -13.24 5.65 -31.11
C8A NDP D . -12.80 4.51 -31.79
N7A NDP D . -12.21 4.86 -32.91
C5A NDP D . -12.25 6.22 -33.02
C6A NDP D . -11.80 7.13 -34.00
N6A NDP D . -11.19 6.65 -35.16
N1A NDP D . -11.98 8.44 -33.80
C2A NDP D . -12.57 8.88 -32.68
N3A NDP D . -13.02 8.04 -31.76
C4A NDP D . -12.88 6.72 -31.89
O3 NDP D . -12.10 1.14 -25.60
PN NDP D . -12.01 1.07 -23.96
O1N NDP D . -12.15 -0.38 -23.51
O2N NDP D . -13.14 1.90 -23.34
O5D NDP D . -10.59 1.63 -23.44
C5D NDP D . -10.18 2.79 -24.21
C4D NDP D . -8.76 3.13 -23.89
O4D NDP D . -8.57 2.95 -22.47
C3D NDP D . -7.86 2.14 -24.60
O3D NDP D . -6.71 2.77 -25.16
C2D NDP D . -7.48 1.09 -23.55
O2D NDP D . -6.16 0.59 -23.77
C1D NDP D . -7.60 1.88 -22.25
N1N NDP D . -7.99 1.01 -21.08
C2N NDP D . -9.23 0.49 -21.01
C3N NDP D . -9.60 -0.35 -19.91
C7N NDP D . -10.97 -0.89 -19.84
O7N NDP D . -11.27 -1.58 -18.90
N7N NDP D . -11.84 -0.63 -20.82
C4N NDP D . -8.62 -0.64 -18.93
C5N NDP D . -7.34 -0.10 -19.07
C6N NDP D . -7.08 0.72 -20.17
P2B NDP D . -17.29 4.47 -31.09
O1X NDP D . -17.06 3.12 -30.57
O2X NDP D . -18.82 4.89 -30.82
O3X NDP D . -17.00 4.50 -32.66
MN MN E . -4.05 -1.66 -17.38
S SO4 F . 0.73 13.51 -5.40
O1 SO4 F . 1.64 14.21 -4.49
O2 SO4 F . -0.66 13.79 -5.04
O3 SO4 F . 0.97 12.07 -5.33
O4 SO4 F . 1.00 13.98 -6.76
MN MN G . 2.59 -6.46 16.43
S SO4 H . -0.13 -11.33 16.20
O1 SO4 H . -0.81 -10.60 17.25
O2 SO4 H . -0.43 -10.76 14.88
O3 SO4 H . -0.59 -12.71 16.27
O4 SO4 H . 1.31 -11.28 16.38
PA NDP I . 12.35 -7.24 26.15
O1A NDP I . 11.77 -8.22 27.30
O2A NDP I . 12.98 -8.05 25.08
O5B NDP I . 13.52 -6.25 26.81
C5B NDP I . 12.96 -5.06 27.42
C4B NDP I . 14.01 -4.07 28.04
O4B NDP I . 13.43 -3.44 29.20
C3B NDP I . 15.28 -4.80 28.48
O3B NDP I . 16.47 -4.18 27.94
C2B NDP I . 15.29 -4.73 30.00
O2B NDP I . 16.61 -4.59 30.54
C1B NDP I . 14.39 -3.50 30.29
N9A NDP I . 13.78 -3.69 31.62
C8A NDP I . 13.19 -4.81 32.08
N7A NDP I . 12.79 -4.61 33.32
C5A NDP I . 13.11 -3.34 33.68
C6A NDP I . 12.91 -2.57 34.89
N6A NDP I . 12.32 -3.15 35.98
N1A NDP I . 13.35 -1.31 34.89
C2A NDP I . 13.94 -0.78 33.84
N3A NDP I . 14.14 -1.45 32.72
C4A NDP I . 13.73 -2.74 32.62
O3 NDP I . 11.12 -6.33 25.54
PN NDP I . 11.07 -6.18 23.90
O1N NDP I . 10.90 -7.56 23.25
O2N NDP I . 12.38 -5.50 23.39
O5D NDP I . 9.78 -5.23 23.47
C5D NDP I . 9.68 -4.05 24.32
C4D NDP I . 8.33 -3.35 24.15
O4D NDP I . 8.04 -3.27 22.69
C3D NDP I . 7.21 -4.13 24.80
O3D NDP I . 6.29 -3.26 25.47
C2D NDP I . 6.53 -4.86 23.65
O2D NDP I . 5.12 -4.98 23.90
C1D NDP I . 6.82 -3.98 22.40
N1N NDP I . 6.84 -4.88 21.20
C2N NDP I . 7.87 -5.65 20.97
C3N NDP I . 7.76 -6.60 19.97
C7N NDP I . 8.90 -7.56 19.71
O7N NDP I . 9.17 -7.90 18.58
N7N NDP I . 9.63 -8.04 20.72
C4N NDP I . 6.57 -6.70 19.20
C5N NDP I . 5.56 -5.83 19.47
C6N NDP I . 5.73 -4.91 20.46
P2B NDP I . 16.98 -5.97 31.30
O1X NDP I . 16.90 -7.10 30.36
O2X NDP I . 18.48 -5.88 31.87
O3X NDP I . 15.95 -6.22 32.52
#